data_1GET
#
_entry.id   1GET
#
_cell.length_a   120.500
_cell.length_b   74.000
_cell.length_c   60.800
_cell.angle_alpha   90.00
_cell.angle_beta   90.00
_cell.angle_gamma   82.50
#
_symmetry.space_group_name_H-M   'P 1 1 21'
#
loop_
_entity.id
_entity.type
_entity.pdbx_description
1 polymer 'GLUTATHIONE REDUCTASE'
2 non-polymer 'FLAVIN-ADENINE DINUCLEOTIDE'
3 non-polymer 'NADP NICOTINAMIDE-ADENINE-DINUCLEOTIDE PHOSPHATE'
4 water water
#
_entity_poly.entity_id   1
_entity_poly.type   'polypeptide(L)'
_entity_poly.pdbx_seq_one_letter_code
;MTKHYDYIAIGGGSGGIASINRAAMYGQKCALIEAKELGGTCVNVGCVPKKVMWHAAQIREAIHMYGPDYGFDTTINKFN
WETLIASRTAYIDRIHTSYENVLGKNNVDVIKGFARFVDAKTLEVNGETITADHILIATGGRPSHPDIPGVEYGIDSDGF
FALPALPERVAVVGAGYIAVELAGVINGLGAKTHLFVRKHAPLRSFDPMISETLVEVMNAEGPQLHTNAIPKAVVKNTDG
SLTLELEDGRSETVDCLIWAIGREPANDNINLEAAGVKTNEKGYIVVDKYQNTNIEGIYAVGDNTGAVELTPVAVAAGRR
LSERLFNNKPDEHLDYSNIPTVVFSHPPIGTVGLTEPQAREQYGDDQVKVYKSSFTAMYTAVTTHRQPCRMKLVCVGSEE
KIVGIHGIGFGMDEMLQGFAVALKMGATKKDFDNTVAIHPTAAEEFVTMR
;
_entity_poly.pdbx_strand_id   A,B
#
# COMPACT_ATOMS: atom_id res chain seq x y z
N LYS A 3 18.80 36.32 -26.31
CA LYS A 3 18.47 35.15 -27.10
C LYS A 3 16.94 35.06 -27.14
N HIS A 4 16.35 34.42 -28.15
CA HIS A 4 14.90 34.32 -28.21
C HIS A 4 14.45 32.86 -28.21
N TYR A 5 13.48 32.55 -27.35
CA TYR A 5 12.94 31.23 -27.12
C TYR A 5 11.44 31.30 -27.33
N ASP A 6 10.80 30.21 -27.68
CA ASP A 6 9.36 30.16 -27.77
C ASP A 6 8.77 30.14 -26.38
N TYR A 7 9.42 29.47 -25.41
CA TYR A 7 8.81 29.33 -24.11
C TYR A 7 9.90 29.25 -23.07
N ILE A 8 9.70 30.05 -22.04
CA ILE A 8 10.61 30.09 -20.91
C ILE A 8 9.83 29.84 -19.63
N ALA A 9 10.36 28.94 -18.80
CA ALA A 9 9.78 28.74 -17.49
C ALA A 9 10.80 29.24 -16.49
N ILE A 10 10.35 30.04 -15.54
CA ILE A 10 11.23 30.55 -14.49
C ILE A 10 11.04 29.59 -13.30
N GLY A 11 12.02 28.75 -12.94
CA GLY A 11 11.89 27.87 -11.81
C GLY A 11 11.90 26.45 -12.33
N GLY A 12 12.84 25.67 -11.84
CA GLY A 12 13.04 24.27 -12.24
C GLY A 12 12.56 23.36 -11.12
N GLY A 13 11.36 23.58 -10.59
CA GLY A 13 10.73 22.82 -9.51
C GLY A 13 9.74 21.94 -10.26
N SER A 14 8.72 21.48 -9.59
CA SER A 14 7.80 20.55 -10.21
C SER A 14 7.04 21.17 -11.38
N GLY A 15 6.38 22.33 -11.20
CA GLY A 15 5.62 22.92 -12.31
C GLY A 15 6.54 23.29 -13.45
N GLY A 16 7.68 23.93 -13.23
CA GLY A 16 8.49 24.40 -14.36
C GLY A 16 9.00 23.24 -15.16
N ILE A 17 9.49 22.19 -14.48
CA ILE A 17 10.12 21.15 -15.25
C ILE A 17 9.07 20.40 -16.08
N ALA A 18 7.92 20.20 -15.48
CA ALA A 18 6.89 19.41 -16.11
C ALA A 18 6.43 20.14 -17.34
N SER A 19 6.12 21.44 -17.19
CA SER A 19 5.60 22.19 -18.31
C SER A 19 6.59 22.38 -19.43
N ILE A 20 7.86 22.68 -19.13
CA ILE A 20 8.82 22.86 -20.21
C ILE A 20 9.08 21.55 -20.97
N ASN A 21 9.02 20.36 -20.34
CA ASN A 21 9.30 19.12 -21.06
C ASN A 21 8.11 18.80 -21.96
N ARG A 22 6.87 18.98 -21.55
CA ARG A 22 5.75 18.74 -22.43
C ARG A 22 5.81 19.68 -23.64
N ALA A 23 6.14 20.96 -23.43
CA ALA A 23 6.23 21.90 -24.54
C ALA A 23 7.36 21.55 -25.51
N ALA A 24 8.54 21.16 -25.02
CA ALA A 24 9.66 20.77 -25.87
C ALA A 24 9.28 19.60 -26.75
N MET A 25 8.30 18.81 -26.31
CA MET A 25 7.79 17.68 -27.08
C MET A 25 7.03 18.15 -28.28
N TYR A 26 6.31 19.29 -28.23
CA TYR A 26 5.56 19.72 -29.38
C TYR A 26 6.26 20.66 -30.33
N GLY A 27 7.58 20.62 -30.41
CA GLY A 27 8.28 21.43 -31.38
C GLY A 27 8.76 22.79 -30.84
N GLN A 28 8.58 23.11 -29.56
CA GLN A 28 8.94 24.43 -29.05
C GLN A 28 10.37 24.57 -28.62
N LYS A 29 10.95 25.76 -28.79
CA LYS A 29 12.33 26.03 -28.36
C LYS A 29 12.17 26.61 -26.96
N CYS A 30 12.67 25.89 -25.96
CA CYS A 30 12.48 26.29 -24.59
C CYS A 30 13.75 26.45 -23.74
N ALA A 31 13.64 27.19 -22.66
CA ALA A 31 14.74 27.39 -21.76
C ALA A 31 14.13 27.32 -20.38
N LEU A 32 14.83 26.66 -19.45
CA LEU A 32 14.31 26.60 -18.11
C LEU A 32 15.31 27.41 -17.28
N ILE A 33 14.92 28.19 -16.29
CA ILE A 33 15.90 28.98 -15.55
C ILE A 33 15.78 28.53 -14.12
N GLU A 34 16.88 28.25 -13.42
CA GLU A 34 16.79 27.84 -12.05
C GLU A 34 17.91 28.50 -11.27
N ALA A 35 17.63 29.19 -10.15
CA ALA A 35 18.72 29.72 -9.33
C ALA A 35 19.54 28.71 -8.49
N LYS A 36 18.91 27.74 -7.81
CA LYS A 36 19.58 26.81 -6.89
C LYS A 36 19.68 25.44 -7.53
N GLU A 37 18.88 24.41 -7.18
CA GLU A 37 19.01 23.07 -7.75
C GLU A 37 17.79 22.65 -8.51
N LEU A 38 18.00 21.84 -9.54
CA LEU A 38 16.92 21.21 -10.27
C LEU A 38 16.11 20.31 -9.34
N GLY A 39 14.82 20.41 -9.55
CA GLY A 39 13.92 19.64 -8.75
C GLY A 39 13.18 20.47 -7.75
N GLY A 40 13.73 21.67 -7.40
CA GLY A 40 12.94 22.55 -6.55
C GLY A 40 12.69 22.02 -5.18
N THR A 41 11.63 22.49 -4.51
CA THR A 41 11.39 22.12 -3.15
C THR A 41 11.25 20.59 -2.99
N CYS A 42 10.44 19.98 -3.87
CA CYS A 42 10.18 18.56 -3.88
C CYS A 42 11.43 17.72 -3.86
N VAL A 43 12.39 17.85 -4.77
CA VAL A 43 13.55 16.99 -4.73
C VAL A 43 14.55 17.40 -3.64
N ASN A 44 14.62 18.69 -3.30
CA ASN A 44 15.72 19.11 -2.46
C ASN A 44 15.43 19.29 -1.03
N VAL A 45 14.34 19.93 -0.69
CA VAL A 45 14.02 20.12 0.71
C VAL A 45 12.57 19.75 0.97
N GLY A 46 11.99 18.81 0.21
CA GLY A 46 10.59 18.52 0.39
C GLY A 46 10.29 17.02 0.31
N CYS A 47 9.44 16.66 -0.66
CA CYS A 47 8.99 15.27 -0.85
C CYS A 47 10.05 14.17 -0.71
N VAL A 48 11.09 14.14 -1.56
CA VAL A 48 12.05 13.04 -1.53
C VAL A 48 12.85 12.89 -0.23
N PRO A 49 13.61 13.88 0.28
CA PRO A 49 14.32 13.75 1.55
C PRO A 49 13.38 13.49 2.73
N LYS A 50 12.16 14.03 2.79
CA LYS A 50 11.19 13.76 3.85
C LYS A 50 10.90 12.23 3.84
N LYS A 51 10.59 11.60 2.67
CA LYS A 51 10.19 10.20 2.66
C LYS A 51 11.42 9.36 3.10
N VAL A 52 12.68 9.61 2.71
CA VAL A 52 13.84 8.89 3.17
C VAL A 52 13.87 8.94 4.67
N MET A 53 13.59 10.11 5.29
CA MET A 53 13.67 10.23 6.73
C MET A 53 12.47 9.55 7.36
N TRP A 54 11.35 9.37 6.66
CA TRP A 54 10.21 8.66 7.20
C TRP A 54 10.62 7.17 7.29
N HIS A 55 11.27 6.68 6.26
CA HIS A 55 11.77 5.30 6.18
C HIS A 55 12.78 5.04 7.27
N ALA A 56 13.71 5.96 7.60
CA ALA A 56 14.65 5.73 8.67
C ALA A 56 13.98 5.51 10.00
N ALA A 57 12.93 6.27 10.27
CA ALA A 57 12.13 6.19 11.45
C ALA A 57 11.38 4.91 11.56
N GLN A 58 10.79 4.46 10.42
CA GLN A 58 10.07 3.17 10.37
C GLN A 58 11.08 2.06 10.71
N ILE A 59 12.30 2.03 10.19
CA ILE A 59 13.32 1.07 10.55
C ILE A 59 13.61 1.12 12.00
N ARG A 60 13.91 2.29 12.63
CA ARG A 60 14.19 2.35 14.05
C ARG A 60 12.99 1.84 14.87
N GLU A 61 11.76 2.04 14.41
CA GLU A 61 10.59 1.59 15.15
C GLU A 61 10.43 0.05 15.09
N ALA A 62 10.80 -0.57 13.98
CA ALA A 62 10.76 -2.02 13.75
C ALA A 62 11.76 -2.59 14.75
N ILE A 63 12.96 -2.04 14.83
CA ILE A 63 13.98 -2.46 15.77
C ILE A 63 13.57 -2.25 17.19
N HIS A 64 13.03 -1.09 17.49
CA HIS A 64 12.95 -0.77 18.89
C HIS A 64 11.61 -0.90 19.51
N MET A 65 10.57 -0.87 18.72
CA MET A 65 9.26 -0.89 19.30
C MET A 65 8.51 -2.21 19.09
N TYR A 66 8.56 -2.65 17.84
CA TYR A 66 7.81 -3.83 17.40
C TYR A 66 8.62 -5.13 17.51
N GLY A 67 9.84 -5.10 17.01
CA GLY A 67 10.80 -6.21 16.95
C GLY A 67 10.86 -7.08 18.19
N PRO A 68 11.00 -6.58 19.42
CA PRO A 68 10.88 -7.33 20.66
C PRO A 68 9.73 -8.31 20.76
N ASP A 69 8.55 -7.97 20.28
CA ASP A 69 7.40 -8.86 20.39
C ASP A 69 7.23 -9.93 19.31
N TYR A 70 8.08 -9.78 18.32
CA TYR A 70 8.27 -10.64 17.23
C TYR A 70 9.51 -11.52 17.53
N GLY A 71 10.10 -11.46 18.73
CA GLY A 71 11.20 -12.31 19.10
C GLY A 71 12.56 -11.69 18.96
N PHE A 72 12.74 -10.47 18.44
CA PHE A 72 14.09 -9.99 18.21
C PHE A 72 14.65 -9.18 19.36
N ASP A 73 15.68 -9.65 20.07
CA ASP A 73 16.29 -8.83 21.13
C ASP A 73 17.48 -8.22 20.42
N THR A 74 17.42 -6.91 20.17
CA THR A 74 18.42 -6.18 19.38
C THR A 74 19.07 -5.04 20.18
N THR A 75 20.28 -4.66 19.88
CA THR A 75 20.94 -3.53 20.49
C THR A 75 21.28 -2.61 19.32
N ILE A 76 20.84 -1.35 19.40
CA ILE A 76 21.26 -0.37 18.42
C ILE A 76 22.55 0.13 19.07
N ASN A 77 23.66 -0.23 18.48
CA ASN A 77 24.95 0.19 18.98
C ASN A 77 25.23 1.64 18.73
N LYS A 78 24.87 2.10 17.53
CA LYS A 78 25.19 3.44 17.11
C LYS A 78 24.18 3.83 16.04
N PHE A 79 23.60 5.01 16.12
CA PHE A 79 22.81 5.55 15.01
C PHE A 79 23.75 6.58 14.38
N ASN A 80 24.42 6.33 13.26
CA ASN A 80 25.30 7.27 12.64
C ASN A 80 24.56 8.29 11.76
N TRP A 81 24.14 9.45 12.26
CA TRP A 81 23.44 10.47 11.43
C TRP A 81 24.15 10.82 10.13
N GLU A 82 25.47 10.77 10.14
CA GLU A 82 26.29 11.07 8.99
C GLU A 82 26.04 10.04 7.93
N THR A 83 25.88 8.74 8.21
CA THR A 83 25.71 7.76 7.13
C THR A 83 24.39 7.99 6.41
N LEU A 84 23.31 8.16 7.17
CA LEU A 84 21.97 8.49 6.67
C LEU A 84 21.95 9.71 5.75
N ILE A 85 22.54 10.85 6.17
CA ILE A 85 22.53 12.05 5.32
C ILE A 85 23.43 11.80 4.12
N ALA A 86 24.55 11.08 4.23
CA ALA A 86 25.36 10.86 3.03
C ALA A 86 24.57 9.97 2.03
N SER A 87 23.81 8.97 2.53
CA SER A 87 22.94 8.11 1.68
C SER A 87 21.79 8.92 1.02
N ARG A 88 21.05 9.77 1.74
CA ARG A 88 20.01 10.63 1.17
C ARG A 88 20.60 11.58 0.15
N THR A 89 21.78 12.15 0.41
CA THR A 89 22.36 13.10 -0.53
C THR A 89 22.80 12.44 -1.78
N ALA A 90 23.43 11.25 -1.72
CA ALA A 90 23.85 10.55 -2.94
C ALA A 90 22.65 10.24 -3.83
N TYR A 91 21.52 9.86 -3.22
CA TYR A 91 20.26 9.58 -3.89
C TYR A 91 19.79 10.85 -4.64
N ILE A 92 19.70 11.99 -3.92
CA ILE A 92 19.25 13.26 -4.55
C ILE A 92 20.20 13.69 -5.66
N ASP A 93 21.49 13.42 -5.55
CA ASP A 93 22.42 13.76 -6.60
C ASP A 93 22.19 12.90 -7.81
N ARG A 94 21.72 11.65 -7.64
CA ARG A 94 21.39 10.79 -8.77
C ARG A 94 20.11 11.33 -9.41
N ILE A 95 19.17 11.82 -8.61
CA ILE A 95 17.95 12.45 -9.14
C ILE A 95 18.24 13.69 -9.99
N HIS A 96 19.12 14.59 -9.53
CA HIS A 96 19.53 15.78 -10.28
C HIS A 96 20.01 15.35 -11.63
N THR A 97 21.03 14.46 -11.70
CA THR A 97 21.57 13.92 -12.95
C THR A 97 20.50 13.33 -13.87
N SER A 98 19.45 12.72 -13.35
CA SER A 98 18.42 12.17 -14.23
C SER A 98 17.67 13.30 -14.92
N TYR A 99 17.31 14.33 -14.12
CA TYR A 99 16.54 15.46 -14.60
C TYR A 99 17.32 16.20 -15.64
N GLU A 100 18.63 16.30 -15.45
CA GLU A 100 19.47 16.95 -16.42
C GLU A 100 19.40 16.21 -17.75
N ASN A 101 19.50 14.89 -17.66
CA ASN A 101 19.46 14.07 -18.86
C ASN A 101 18.14 14.18 -19.64
N VAL A 102 16.98 14.15 -18.97
CA VAL A 102 15.68 14.33 -19.59
C VAL A 102 15.57 15.65 -20.37
N LEU A 103 15.94 16.77 -19.74
CA LEU A 103 15.91 18.10 -20.36
C LEU A 103 16.90 18.17 -21.51
N GLY A 104 18.00 17.45 -21.38
CA GLY A 104 18.99 17.45 -22.43
C GLY A 104 18.46 16.73 -23.65
N LYS A 105 17.84 15.57 -23.42
CA LYS A 105 17.20 14.80 -24.48
C LYS A 105 16.20 15.70 -25.18
N ASN A 106 15.47 16.48 -24.39
CA ASN A 106 14.48 17.42 -24.91
C ASN A 106 14.98 18.71 -25.51
N ASN A 107 16.29 18.98 -25.49
CA ASN A 107 16.87 20.19 -26.06
C ASN A 107 16.44 21.47 -25.33
N VAL A 108 16.13 21.36 -24.05
CA VAL A 108 15.79 22.52 -23.25
C VAL A 108 17.10 23.12 -22.78
N ASP A 109 17.27 24.43 -22.97
CA ASP A 109 18.41 25.14 -22.43
C ASP A 109 18.16 25.57 -21.02
N VAL A 110 18.97 24.98 -20.15
CA VAL A 110 18.87 25.22 -18.73
C VAL A 110 19.85 26.34 -18.42
N ILE A 111 19.34 27.41 -17.84
CA ILE A 111 20.12 28.58 -17.45
C ILE A 111 20.08 28.64 -15.93
N LYS A 112 21.25 28.51 -15.34
CA LYS A 112 21.39 28.53 -13.91
C LYS A 112 21.59 29.98 -13.51
N GLY A 113 20.69 30.59 -12.78
CA GLY A 113 20.86 31.95 -12.33
C GLY A 113 19.52 32.44 -11.85
N PHE A 114 19.46 33.63 -11.28
CA PHE A 114 18.18 34.18 -10.82
C PHE A 114 17.67 35.09 -11.94
N ALA A 115 16.38 34.97 -12.22
CA ALA A 115 15.77 35.70 -13.31
C ALA A 115 14.85 36.78 -12.76
N ARG A 116 14.77 37.92 -13.45
CA ARG A 116 13.88 39.03 -13.09
C ARG A 116 13.31 39.61 -14.36
N PHE A 117 12.11 40.16 -14.33
CA PHE A 117 11.50 40.73 -15.51
C PHE A 117 12.05 42.09 -15.88
N VAL A 118 12.31 42.29 -17.18
CA VAL A 118 12.63 43.60 -17.71
C VAL A 118 11.31 44.24 -18.14
N ASP A 119 10.44 43.45 -18.77
CA ASP A 119 9.13 43.89 -19.26
C ASP A 119 8.34 42.61 -19.55
N ALA A 120 7.06 42.71 -19.91
CA ALA A 120 6.23 41.54 -20.22
C ALA A 120 6.85 40.43 -21.10
N LYS A 121 7.83 40.73 -21.94
CA LYS A 121 8.41 39.75 -22.82
C LYS A 121 9.90 39.62 -22.62
N THR A 122 10.50 40.19 -21.58
CA THR A 122 11.94 40.13 -21.47
C THR A 122 12.34 39.84 -20.03
N LEU A 123 13.44 39.09 -19.87
CA LEU A 123 13.94 38.70 -18.55
C LEU A 123 15.44 38.96 -18.53
N GLU A 124 16.00 39.33 -17.38
CA GLU A 124 17.42 39.55 -17.25
C GLU A 124 17.86 38.41 -16.35
N VAL A 125 18.95 37.74 -16.71
CA VAL A 125 19.47 36.62 -15.96
C VAL A 125 20.99 36.69 -16.10
N ASN A 126 21.73 36.78 -15.00
CA ASN A 126 23.22 36.80 -15.02
C ASN A 126 23.85 37.79 -15.99
N GLY A 127 23.25 38.98 -16.05
CA GLY A 127 23.71 40.01 -16.95
C GLY A 127 22.91 39.97 -18.23
N GLU A 128 22.81 38.78 -18.80
CA GLU A 128 22.14 38.56 -20.07
C GLU A 128 20.64 38.81 -20.08
N THR A 129 20.19 39.23 -21.24
CA THR A 129 18.78 39.44 -21.54
C THR A 129 18.28 38.34 -22.52
N ILE A 130 17.16 37.71 -22.15
CA ILE A 130 16.53 36.73 -23.00
C ILE A 130 15.08 37.13 -23.10
N THR A 131 14.48 36.78 -24.23
CA THR A 131 13.12 37.13 -24.50
C THR A 131 12.40 35.87 -25.06
N ALA A 132 11.07 35.83 -24.96
CA ALA A 132 10.27 34.66 -25.31
C ALA A 132 8.86 35.12 -25.55
N ASP A 133 8.08 34.36 -26.32
CA ASP A 133 6.69 34.74 -26.58
C ASP A 133 5.76 34.32 -25.45
N HIS A 134 6.15 33.33 -24.63
CA HIS A 134 5.30 32.86 -23.52
C HIS A 134 6.26 32.61 -22.37
N ILE A 135 5.87 33.04 -21.18
CA ILE A 135 6.74 32.94 -20.02
C ILE A 135 5.87 32.33 -18.92
N LEU A 136 6.41 31.28 -18.26
CA LEU A 136 5.70 30.63 -17.17
C LEU A 136 6.40 31.08 -15.90
N ILE A 137 5.72 31.50 -14.86
CA ILE A 137 6.42 31.83 -13.63
C ILE A 137 6.07 30.64 -12.73
N ALA A 138 7.06 29.88 -12.25
CA ALA A 138 6.85 28.70 -11.40
C ALA A 138 7.94 28.74 -10.35
N THR A 139 7.87 29.81 -9.57
CA THR A 139 8.87 30.17 -8.57
C THR A 139 8.59 29.60 -7.22
N GLY A 140 7.43 28.99 -7.02
CA GLY A 140 7.16 28.30 -5.78
C GLY A 140 6.99 29.20 -4.57
N GLY A 141 7.45 28.62 -3.45
CA GLY A 141 7.27 29.29 -2.19
C GLY A 141 8.49 29.19 -1.32
N ARG A 142 8.27 29.59 -0.07
CA ARG A 142 9.33 29.50 0.90
C ARG A 142 8.68 29.46 2.28
N PRO A 143 9.36 29.01 3.34
CA PRO A 143 8.76 28.91 4.66
C PRO A 143 8.42 30.26 5.33
N SER A 144 7.33 30.33 6.09
CA SER A 144 6.96 31.49 6.86
C SER A 144 7.57 31.38 8.24
N HIS A 145 7.66 32.47 9.02
CA HIS A 145 8.31 32.50 10.32
C HIS A 145 7.51 33.42 11.16
N PRO A 146 7.14 33.14 12.40
CA PRO A 146 6.32 34.05 13.18
C PRO A 146 7.15 35.33 13.47
N ASP A 147 6.46 36.45 13.62
CA ASP A 147 7.11 37.71 13.95
C ASP A 147 7.00 37.82 15.46
N ILE A 148 7.89 37.18 16.21
CA ILE A 148 7.83 37.23 17.66
C ILE A 148 9.26 37.42 18.14
N PRO A 149 9.53 37.81 19.39
CA PRO A 149 10.90 37.96 19.90
C PRO A 149 11.69 36.65 19.90
N GLY A 150 12.84 36.52 19.25
CA GLY A 150 13.64 35.31 19.33
C GLY A 150 13.38 34.35 18.19
N VAL A 151 12.48 34.69 17.27
CA VAL A 151 12.13 33.84 16.13
C VAL A 151 13.33 33.30 15.37
N GLU A 152 14.41 34.08 15.36
CA GLU A 152 15.61 33.69 14.63
C GLU A 152 16.39 32.59 15.34
N TYR A 153 15.98 32.14 16.51
CA TYR A 153 16.62 31.01 17.16
C TYR A 153 16.03 29.69 16.64
N GLY A 154 14.89 29.71 15.98
CA GLY A 154 14.26 28.51 15.45
C GLY A 154 14.70 28.29 14.03
N ILE A 155 14.56 27.09 13.50
CA ILE A 155 14.95 26.79 12.14
C ILE A 155 13.63 26.50 11.44
N ASP A 156 13.60 26.24 10.17
CA ASP A 156 12.33 25.91 9.54
C ASP A 156 12.56 24.57 8.82
N SER A 157 11.64 24.09 7.99
CA SER A 157 11.83 22.80 7.36
C SER A 157 13.07 22.80 6.52
N ASP A 158 13.43 23.81 5.74
CA ASP A 158 14.76 23.79 5.10
C ASP A 158 15.91 23.63 6.11
N GLY A 159 15.80 24.18 7.31
CA GLY A 159 16.90 24.08 8.27
C GLY A 159 16.93 22.65 8.77
N PHE A 160 15.79 21.96 8.85
CA PHE A 160 15.71 20.57 9.26
C PHE A 160 16.55 19.68 8.34
N PHE A 161 16.43 19.84 7.03
CA PHE A 161 17.24 19.02 6.15
C PHE A 161 18.72 19.29 6.27
N ALA A 162 19.15 20.36 6.95
CA ALA A 162 20.57 20.67 7.07
C ALA A 162 21.15 20.43 8.45
N LEU A 163 20.36 19.93 9.37
CA LEU A 163 20.82 19.59 10.69
C LEU A 163 22.06 18.68 10.64
N PRO A 164 23.11 18.96 11.40
CA PRO A 164 24.32 18.15 11.43
C PRO A 164 24.24 16.95 12.37
N ALA A 165 23.15 16.87 13.15
CA ALA A 165 22.97 15.83 14.13
C ALA A 165 21.57 15.95 14.62
N LEU A 166 21.11 14.88 15.22
CA LEU A 166 19.76 14.82 15.74
C LEU A 166 19.80 15.38 17.15
N PRO A 167 19.00 16.40 17.49
CA PRO A 167 18.96 17.02 18.80
C PRO A 167 18.26 16.13 19.81
N GLU A 168 18.50 16.36 21.10
CA GLU A 168 17.90 15.49 22.09
C GLU A 168 16.47 15.79 22.35
N ARG A 169 16.14 17.09 22.30
CA ARG A 169 14.80 17.55 22.61
C ARG A 169 14.50 18.56 21.51
N VAL A 170 13.36 18.39 20.84
CA VAL A 170 12.99 19.20 19.69
C VAL A 170 11.56 19.65 19.94
N ALA A 171 11.21 20.89 19.57
CA ALA A 171 9.84 21.34 19.67
C ALA A 171 9.49 21.69 18.23
N VAL A 172 8.31 21.28 17.79
CA VAL A 172 7.86 21.62 16.47
C VAL A 172 6.64 22.46 16.70
N VAL A 173 6.52 23.59 15.98
CA VAL A 173 5.35 24.50 16.14
C VAL A 173 4.60 24.58 14.84
N GLY A 174 3.32 24.42 14.91
CA GLY A 174 2.62 24.38 13.67
C GLY A 174 1.54 23.30 13.79
N ALA A 175 0.67 23.21 12.81
CA ALA A 175 -0.43 22.31 12.96
C ALA A 175 -0.95 21.73 11.66
N GLY A 176 -0.18 21.84 10.60
CA GLY A 176 -0.55 21.32 9.29
C GLY A 176 0.35 20.13 8.98
N TYR A 177 0.35 19.71 7.71
CA TYR A 177 1.11 18.57 7.21
C TYR A 177 2.56 18.50 7.67
N ILE A 178 3.35 19.57 7.44
CA ILE A 178 4.78 19.54 7.67
C ILE A 178 5.08 19.37 9.10
N ALA A 179 4.27 19.94 9.98
CA ALA A 179 4.55 19.86 11.40
C ALA A 179 4.36 18.43 11.85
N VAL A 180 3.20 17.86 11.50
CA VAL A 180 2.79 16.51 11.84
C VAL A 180 3.82 15.46 11.36
N GLU A 181 4.30 15.59 10.11
CA GLU A 181 5.30 14.70 9.54
C GLU A 181 6.65 14.89 10.16
N LEU A 182 7.15 16.11 10.33
CA LEU A 182 8.49 16.25 10.91
C LEU A 182 8.48 15.80 12.37
N ALA A 183 7.44 16.15 13.12
CA ALA A 183 7.27 15.73 14.51
C ALA A 183 7.28 14.22 14.60
N GLY A 184 6.52 13.54 13.74
CA GLY A 184 6.45 12.10 13.68
C GLY A 184 7.75 11.46 13.34
N VAL A 185 8.45 11.95 12.31
CA VAL A 185 9.75 11.43 11.98
C VAL A 185 10.72 11.58 13.15
N ILE A 186 10.88 12.79 13.71
CA ILE A 186 11.88 13.06 14.75
C ILE A 186 11.57 12.22 15.97
N ASN A 187 10.31 12.08 16.38
CA ASN A 187 9.97 11.25 17.53
C ASN A 187 10.31 9.79 17.21
N GLY A 188 10.11 9.38 15.95
CA GLY A 188 10.42 8.04 15.50
C GLY A 188 11.89 7.75 15.52
N LEU A 189 12.69 8.81 15.36
CA LEU A 189 14.10 8.58 15.39
C LEU A 189 14.65 8.69 16.79
N GLY A 190 13.84 8.75 17.84
CA GLY A 190 14.39 8.73 19.18
C GLY A 190 14.46 10.03 19.96
N ALA A 191 14.33 11.24 19.40
CA ALA A 191 14.44 12.49 20.15
C ALA A 191 13.26 12.75 21.06
N LYS A 192 13.38 13.43 22.21
CA LYS A 192 12.18 13.77 22.98
C LYS A 192 11.51 14.85 22.13
N THR A 193 10.31 14.60 21.61
CA THR A 193 9.66 15.53 20.68
C THR A 193 8.36 16.13 21.15
N HIS A 194 8.19 17.45 20.98
CA HIS A 194 7.00 18.13 21.44
C HIS A 194 6.28 18.73 20.24
N LEU A 195 4.96 18.74 20.16
CA LEU A 195 4.31 19.38 19.04
C LEU A 195 3.45 20.44 19.68
N PHE A 196 3.61 21.71 19.29
CA PHE A 196 2.75 22.75 19.88
C PHE A 196 1.73 23.14 18.84
N VAL A 197 0.44 23.05 19.11
CA VAL A 197 -0.52 23.45 18.12
C VAL A 197 -1.33 24.54 18.82
N ARG A 198 -1.90 25.50 18.07
CA ARG A 198 -2.59 26.63 18.68
C ARG A 198 -3.94 26.27 19.24
N LYS A 199 -4.73 25.39 18.60
CA LYS A 199 -6.06 25.05 19.09
C LYS A 199 -6.08 23.63 19.70
N HIS A 200 -6.99 22.75 19.26
CA HIS A 200 -7.27 21.49 19.96
C HIS A 200 -6.53 20.26 19.42
N ALA A 201 -6.09 20.30 18.17
CA ALA A 201 -5.55 19.12 17.53
C ALA A 201 -4.87 19.67 16.31
N PRO A 202 -3.95 18.93 15.71
CA PRO A 202 -3.42 19.25 14.38
C PRO A 202 -4.42 18.85 13.29
N LEU A 203 -4.12 19.22 12.05
CA LEU A 203 -4.89 18.95 10.86
C LEU A 203 -6.39 19.15 11.07
N ARG A 204 -6.69 20.29 11.67
CA ARG A 204 -8.07 20.69 11.95
C ARG A 204 -8.90 20.80 10.69
N SER A 205 -8.36 20.93 9.49
CA SER A 205 -9.24 20.97 8.33
C SER A 205 -9.56 19.60 7.75
N PHE A 206 -8.89 18.54 8.24
CA PHE A 206 -9.06 17.20 7.75
C PHE A 206 -10.30 16.63 8.40
N ASP A 207 -10.82 15.51 7.88
CA ASP A 207 -11.96 14.88 8.51
C ASP A 207 -11.64 14.64 9.98
N PRO A 208 -12.64 14.90 10.82
CA PRO A 208 -12.58 14.69 12.25
C PRO A 208 -11.99 13.34 12.74
N MET A 209 -12.32 12.25 12.05
CA MET A 209 -11.81 10.92 12.35
C MET A 209 -10.30 10.89 12.33
N ILE A 210 -9.72 11.49 11.28
CA ILE A 210 -8.29 11.59 11.09
C ILE A 210 -7.67 12.38 12.24
N SER A 211 -8.09 13.60 12.62
CA SER A 211 -7.34 14.31 13.64
C SER A 211 -7.63 13.70 14.99
N GLU A 212 -8.85 13.23 15.30
CA GLU A 212 -9.13 12.52 16.56
C GLU A 212 -8.17 11.30 16.70
N THR A 213 -7.98 10.49 15.66
CA THR A 213 -7.11 9.33 15.72
C THR A 213 -5.64 9.72 15.88
N LEU A 214 -5.18 10.79 15.20
CA LEU A 214 -3.78 11.19 15.30
C LEU A 214 -3.43 11.61 16.69
N VAL A 215 -4.34 12.28 17.36
CA VAL A 215 -4.10 12.70 18.74
C VAL A 215 -3.96 11.47 19.64
N GLU A 216 -4.64 10.35 19.27
CA GLU A 216 -4.67 9.16 20.09
C GLU A 216 -3.35 8.44 20.06
N VAL A 217 -2.82 8.34 18.84
CA VAL A 217 -1.54 7.71 18.56
C VAL A 217 -0.48 8.58 19.26
N MET A 218 -0.56 9.90 19.09
CA MET A 218 0.39 10.83 19.71
C MET A 218 0.40 10.64 21.19
N ASN A 219 -0.76 10.56 21.81
CA ASN A 219 -0.78 10.33 23.24
C ASN A 219 -0.18 8.99 23.68
N ALA A 220 -0.10 7.99 22.80
CA ALA A 220 0.43 6.70 23.18
C ALA A 220 1.90 6.59 22.92
N GLU A 221 2.37 7.04 21.77
CA GLU A 221 3.76 6.88 21.43
C GLU A 221 4.53 8.14 21.10
N GLY A 222 3.99 9.32 21.41
CA GLY A 222 4.67 10.56 21.05
C GLY A 222 4.36 11.00 19.61
N PRO A 223 4.71 12.21 19.12
CA PRO A 223 5.28 13.34 19.87
C PRO A 223 4.39 13.83 20.99
N GLN A 224 4.96 14.38 22.07
CA GLN A 224 4.15 14.94 23.13
C GLN A 224 3.43 16.16 22.53
N LEU A 225 2.11 16.14 22.49
CA LEU A 225 1.31 17.17 21.87
C LEU A 225 0.92 18.24 22.89
N HIS A 226 1.00 19.54 22.55
CA HIS A 226 0.56 20.59 23.50
C HIS A 226 -0.45 21.42 22.73
N THR A 227 -1.64 21.61 23.29
CA THR A 227 -2.71 22.28 22.59
C THR A 227 -2.90 23.67 23.19
N ASN A 228 -3.73 24.53 22.56
CA ASN A 228 -3.97 25.88 23.06
C ASN A 228 -2.65 26.61 23.33
N ALA A 229 -1.72 26.42 22.40
CA ALA A 229 -0.35 26.87 22.57
C ALA A 229 0.05 27.97 21.61
N ILE A 230 -0.04 29.24 22.02
CA ILE A 230 0.30 30.39 21.14
C ILE A 230 1.71 30.81 21.50
N PRO A 231 2.74 30.72 20.64
CA PRO A 231 4.08 31.18 20.95
C PRO A 231 4.10 32.68 21.19
N LYS A 232 4.81 33.10 22.24
CA LYS A 232 5.00 34.46 22.68
C LYS A 232 6.45 34.84 22.42
N ALA A 233 7.41 34.00 22.78
CA ALA A 233 8.79 34.36 22.58
C ALA A 233 9.76 33.21 22.72
N VAL A 234 10.94 33.22 22.09
CA VAL A 234 11.96 32.21 22.31
C VAL A 234 13.17 32.93 22.91
N VAL A 235 13.62 32.40 24.04
CA VAL A 235 14.70 32.90 24.87
C VAL A 235 15.90 31.98 24.70
N LYS A 236 17.05 32.40 24.18
CA LYS A 236 18.21 31.52 24.10
C LYS A 236 18.78 31.55 25.50
N ASN A 237 19.16 30.42 26.07
CA ASN A 237 19.63 30.37 27.43
C ASN A 237 21.14 30.39 27.47
N THR A 238 21.72 30.45 28.67
CA THR A 238 23.18 30.49 28.89
C THR A 238 23.91 29.29 28.31
N ASP A 239 23.38 28.11 28.64
CA ASP A 239 23.88 26.86 28.09
C ASP A 239 23.59 26.69 26.62
N GLY A 240 22.79 27.52 25.98
CA GLY A 240 22.58 27.36 24.56
C GLY A 240 21.22 26.76 24.24
N SER A 241 20.46 26.24 25.19
CA SER A 241 19.15 25.73 24.89
C SER A 241 18.24 26.89 24.61
N LEU A 242 17.01 26.61 24.19
CA LEU A 242 16.02 27.62 23.89
C LEU A 242 14.84 27.32 24.77
N THR A 243 14.12 28.34 25.20
CA THR A 243 12.91 28.15 25.94
C THR A 243 11.85 28.81 25.10
N LEU A 244 10.85 28.05 24.67
CA LEU A 244 9.74 28.64 23.97
C LEU A 244 8.78 29.06 25.08
N GLU A 245 8.32 30.31 25.07
CA GLU A 245 7.35 30.77 26.03
C GLU A 245 6.05 30.90 25.29
N LEU A 246 5.03 30.45 25.96
CA LEU A 246 3.71 30.52 25.41
C LEU A 246 2.96 31.67 26.05
N GLU A 247 1.95 32.13 25.31
CA GLU A 247 1.18 33.24 25.80
C GLU A 247 0.48 32.91 27.06
N ASP A 248 0.15 31.65 27.36
CA ASP A 248 -0.57 31.40 28.61
C ASP A 248 0.31 31.23 29.82
N GLY A 249 1.62 31.32 29.64
CA GLY A 249 2.53 31.21 30.77
C GLY A 249 3.38 29.96 30.75
N ARG A 250 2.96 28.94 30.00
CA ARG A 250 3.70 27.69 29.91
C ARG A 250 4.91 27.92 29.04
N SER A 251 5.99 27.16 29.22
CA SER A 251 7.19 27.30 28.43
C SER A 251 7.84 25.94 28.37
N GLU A 252 8.78 25.68 27.46
CA GLU A 252 9.43 24.39 27.35
C GLU A 252 10.86 24.64 26.85
N THR A 253 11.86 23.97 27.41
CA THR A 253 13.22 24.19 27.01
C THR A 253 13.59 23.02 26.13
N VAL A 254 14.20 23.30 24.99
CA VAL A 254 14.56 22.34 23.98
C VAL A 254 15.92 22.75 23.49
N ASP A 255 16.47 21.89 22.65
CA ASP A 255 17.76 22.14 22.09
C ASP A 255 17.49 22.62 20.70
N CYS A 256 16.33 22.41 20.07
CA CYS A 256 16.10 22.83 18.70
C CYS A 256 14.64 23.27 18.55
N LEU A 257 14.25 24.28 17.80
CA LEU A 257 12.84 24.60 17.67
C LEU A 257 12.64 24.75 16.18
N ILE A 258 11.62 24.10 15.60
CA ILE A 258 11.37 24.13 14.16
C ILE A 258 10.04 24.84 13.96
N TRP A 259 10.02 25.88 13.13
CA TRP A 259 8.79 26.61 12.81
C TRP A 259 8.09 25.85 11.67
N ALA A 260 6.82 25.43 11.68
CA ALA A 260 6.24 24.73 10.53
C ALA A 260 4.85 25.32 10.52
N ILE A 261 4.82 26.62 10.24
CA ILE A 261 3.56 27.34 10.41
C ILE A 261 2.89 27.77 9.12
N GLY A 262 3.38 27.34 7.97
CA GLY A 262 2.83 27.76 6.70
C GLY A 262 3.96 28.20 5.84
N ARG A 263 3.62 28.32 4.55
CA ARG A 263 4.58 28.75 3.54
C ARG A 263 4.08 30.04 2.82
N GLU A 264 4.86 30.70 1.97
CA GLU A 264 4.43 31.93 1.32
C GLU A 264 5.13 32.02 -0.03
N PRO A 265 4.48 32.60 -1.04
CA PRO A 265 4.96 32.53 -2.40
C PRO A 265 6.26 33.24 -2.58
N ALA A 266 7.12 32.91 -3.52
CA ALA A 266 8.35 33.64 -3.69
C ALA A 266 8.22 34.42 -5.00
N ASN A 267 7.32 35.40 -4.95
CA ASN A 267 7.01 36.21 -6.13
C ASN A 267 7.61 37.59 -6.00
N ASP A 268 8.33 37.86 -4.93
CA ASP A 268 8.73 39.21 -4.67
C ASP A 268 9.95 39.75 -5.36
N ASN A 269 11.17 39.24 -5.37
CA ASN A 269 12.22 40.05 -5.99
C ASN A 269 12.38 39.78 -7.47
N ILE A 270 11.29 39.58 -8.23
CA ILE A 270 11.42 39.26 -9.66
C ILE A 270 10.85 40.31 -10.60
N ASN A 271 10.36 41.41 -10.02
CA ASN A 271 9.97 42.64 -10.72
C ASN A 271 8.74 42.55 -11.59
N LEU A 272 7.72 41.97 -10.97
CA LEU A 272 6.44 41.77 -11.61
C LEU A 272 5.70 43.00 -12.08
N GLU A 273 6.02 44.09 -11.39
CA GLU A 273 5.45 45.43 -11.62
C GLU A 273 5.78 45.85 -13.03
N ALA A 274 7.05 45.63 -13.42
CA ALA A 274 7.55 45.88 -14.76
C ALA A 274 6.81 45.06 -15.85
N ALA A 275 6.36 43.83 -15.52
CA ALA A 275 5.58 43.02 -16.43
C ALA A 275 4.11 43.34 -16.26
N GLY A 276 3.73 43.97 -15.16
CA GLY A 276 2.34 44.35 -14.95
C GLY A 276 1.51 43.21 -14.43
N VAL A 277 2.11 42.16 -13.88
CA VAL A 277 1.33 40.97 -13.49
C VAL A 277 0.72 41.22 -12.14
N LYS A 278 -0.54 40.92 -11.87
CA LYS A 278 -1.04 41.22 -10.56
C LYS A 278 -1.06 40.03 -9.62
N THR A 279 -0.71 40.37 -8.39
CA THR A 279 -0.75 39.41 -7.32
C THR A 279 -1.93 39.76 -6.44
N ASN A 280 -2.38 38.88 -5.57
CA ASN A 280 -3.43 39.18 -4.62
C ASN A 280 -2.83 39.68 -3.31
N GLU A 281 -3.69 39.81 -2.30
CA GLU A 281 -3.33 40.41 -1.04
C GLU A 281 -2.27 39.61 -0.29
N LYS A 282 -2.23 38.29 -0.54
CA LYS A 282 -1.31 37.43 0.18
C LYS A 282 -0.05 37.24 -0.62
N GLY A 283 0.09 37.91 -1.78
CA GLY A 283 1.30 37.82 -2.59
C GLY A 283 1.25 36.76 -3.68
N TYR A 284 0.16 36.00 -3.84
CA TYR A 284 0.07 34.93 -4.83
C TYR A 284 -0.20 35.52 -6.16
N ILE A 285 0.34 34.96 -7.25
CA ILE A 285 -0.01 35.41 -8.57
C ILE A 285 -1.44 34.96 -8.86
N VAL A 286 -2.33 35.88 -9.23
CA VAL A 286 -3.72 35.55 -9.52
C VAL A 286 -3.77 34.89 -10.93
N VAL A 287 -4.45 33.78 -11.11
CA VAL A 287 -4.49 33.08 -12.40
C VAL A 287 -5.91 32.65 -12.58
N ASP A 288 -6.31 32.44 -13.82
CA ASP A 288 -7.63 31.87 -14.07
C ASP A 288 -7.48 30.35 -14.15
N LYS A 289 -8.60 29.73 -14.50
CA LYS A 289 -8.81 28.32 -14.80
C LYS A 289 -7.73 27.66 -15.67
N TYR A 290 -7.25 28.45 -16.62
CA TYR A 290 -6.29 28.04 -17.62
C TYR A 290 -4.89 28.42 -17.24
N GLN A 291 -4.59 28.84 -16.00
CA GLN A 291 -3.25 29.28 -15.55
C GLN A 291 -2.73 30.60 -16.16
N ASN A 292 -3.60 31.36 -16.83
CA ASN A 292 -3.23 32.67 -17.38
C ASN A 292 -3.12 33.73 -16.30
N THR A 293 -2.07 34.57 -16.32
CA THR A 293 -2.09 35.72 -15.43
C THR A 293 -2.99 36.78 -16.16
N ASN A 294 -2.93 38.05 -15.78
CA ASN A 294 -3.64 39.15 -16.44
C ASN A 294 -2.90 39.64 -17.67
N ILE A 295 -1.63 39.32 -17.83
CA ILE A 295 -0.91 39.75 -18.98
C ILE A 295 -1.03 38.59 -19.96
N GLU A 296 -1.13 38.97 -21.21
CA GLU A 296 -1.27 38.03 -22.30
C GLU A 296 0.11 37.44 -22.46
N GLY A 297 0.30 36.12 -22.43
CA GLY A 297 1.60 35.55 -22.73
C GLY A 297 2.39 35.14 -21.50
N ILE A 298 1.84 35.34 -20.30
CA ILE A 298 2.46 35.03 -19.07
C ILE A 298 1.45 34.22 -18.26
N TYR A 299 1.94 33.10 -17.70
CA TYR A 299 1.09 32.15 -16.98
C TYR A 299 1.78 31.82 -15.67
N ALA A 300 1.05 31.28 -14.70
CA ALA A 300 1.69 30.78 -13.49
C ALA A 300 1.06 29.44 -13.07
N VAL A 301 1.89 28.49 -12.55
CA VAL A 301 1.41 27.22 -11.96
C VAL A 301 2.23 26.92 -10.70
N GLY A 302 1.61 26.21 -9.73
CA GLY A 302 2.36 25.77 -8.56
C GLY A 302 2.01 26.49 -7.28
N ASP A 303 2.96 26.34 -6.36
CA ASP A 303 2.78 26.94 -5.04
C ASP A 303 2.68 28.47 -5.06
N ASN A 304 3.23 29.14 -6.07
CA ASN A 304 3.23 30.59 -6.13
C ASN A 304 1.91 31.18 -6.60
N THR A 305 0.89 30.33 -6.78
CA THR A 305 -0.39 30.80 -7.22
C THR A 305 -1.40 30.63 -6.13
N GLY A 306 -1.05 30.03 -5.00
CA GLY A 306 -2.05 29.88 -3.96
C GLY A 306 -2.90 28.63 -4.06
N ALA A 307 -2.80 27.86 -5.14
CA ALA A 307 -3.54 26.61 -5.28
C ALA A 307 -2.95 25.56 -4.27
N VAL A 308 -3.51 24.34 -4.26
CA VAL A 308 -3.03 23.36 -3.30
C VAL A 308 -1.62 22.98 -3.65
N GLU A 309 -0.85 23.13 -2.59
CA GLU A 309 0.56 22.95 -2.66
C GLU A 309 1.02 21.50 -2.65
N LEU A 310 1.00 20.84 -3.80
CA LEU A 310 1.45 19.46 -3.88
C LEU A 310 2.16 19.41 -5.21
N THR A 311 3.28 18.71 -5.30
CA THR A 311 4.02 18.44 -6.52
C THR A 311 3.12 17.89 -7.63
N PRO A 312 2.12 17.01 -7.44
CA PRO A 312 1.40 16.39 -8.58
C PRO A 312 0.43 17.34 -9.25
N VAL A 313 -0.09 18.28 -8.45
CA VAL A 313 -0.93 19.36 -8.94
C VAL A 313 -0.08 20.30 -9.80
N ALA A 314 1.13 20.68 -9.37
CA ALA A 314 2.01 21.54 -10.14
C ALA A 314 2.39 20.89 -11.42
N VAL A 315 2.71 19.60 -11.39
CA VAL A 315 3.04 18.84 -12.59
C VAL A 315 1.85 18.70 -13.57
N ALA A 316 0.68 18.38 -13.07
CA ALA A 316 -0.45 18.13 -13.92
C ALA A 316 -0.93 19.47 -14.51
N ALA A 317 -0.96 20.56 -13.75
CA ALA A 317 -1.37 21.89 -14.27
C ALA A 317 -0.40 22.41 -15.35
N GLY A 318 0.89 22.17 -15.09
CA GLY A 318 1.97 22.52 -16.00
C GLY A 318 1.93 21.69 -17.28
N ARG A 319 1.58 20.40 -17.29
CA ARG A 319 1.51 19.63 -18.53
C ARG A 319 0.34 20.06 -19.38
N ARG A 320 -0.80 20.18 -18.74
CA ARG A 320 -2.05 20.60 -19.36
C ARG A 320 -1.92 21.99 -19.96
N LEU A 321 -1.19 22.88 -19.29
CA LEU A 321 -0.85 24.19 -19.80
C LEU A 321 -0.08 24.08 -21.10
N SER A 322 0.99 23.28 -21.19
CA SER A 322 1.69 23.20 -22.45
C SER A 322 0.86 22.50 -23.53
N GLU A 323 -0.13 21.67 -23.14
CA GLU A 323 -1.02 20.95 -24.10
C GLU A 323 -1.94 21.99 -24.72
N ARG A 324 -2.54 22.85 -23.90
CA ARG A 324 -3.42 23.94 -24.37
C ARG A 324 -2.68 24.83 -25.37
N LEU A 325 -1.56 25.35 -24.90
CA LEU A 325 -0.79 26.29 -25.69
C LEU A 325 -0.14 25.73 -26.91
N PHE A 326 0.63 24.66 -26.74
CA PHE A 326 1.38 24.24 -27.89
C PHE A 326 0.82 22.99 -28.53
N ASN A 327 -0.23 22.37 -28.02
CA ASN A 327 -0.76 21.23 -28.75
C ASN A 327 -2.21 21.42 -29.11
N ASN A 328 -2.57 22.69 -29.27
CA ASN A 328 -3.88 23.09 -29.77
C ASN A 328 -5.07 22.53 -29.04
N LYS A 329 -5.02 22.45 -27.70
CA LYS A 329 -6.12 21.91 -26.91
C LYS A 329 -6.73 23.02 -26.07
N PRO A 330 -7.56 23.91 -26.63
CA PRO A 330 -7.93 25.17 -25.99
C PRO A 330 -8.67 25.12 -24.67
N ASP A 331 -9.37 24.03 -24.37
CA ASP A 331 -10.07 23.96 -23.10
C ASP A 331 -9.33 23.09 -22.10
N GLU A 332 -8.10 22.67 -22.40
CA GLU A 332 -7.34 21.81 -21.52
C GLU A 332 -6.91 22.57 -20.27
N HIS A 333 -7.12 21.96 -19.10
CA HIS A 333 -6.79 22.60 -17.83
C HIS A 333 -6.92 21.56 -16.72
N LEU A 334 -6.40 21.82 -15.53
CA LEU A 334 -6.46 20.90 -14.41
C LEU A 334 -7.73 21.15 -13.64
N ASP A 335 -8.36 20.11 -13.13
CA ASP A 335 -9.54 20.19 -12.29
C ASP A 335 -8.96 20.06 -10.90
N TYR A 336 -9.18 21.05 -10.05
CA TYR A 336 -8.59 21.01 -8.74
C TYR A 336 -9.54 20.38 -7.73
N SER A 337 -10.57 19.60 -8.09
CA SER A 337 -11.40 18.97 -7.07
C SER A 337 -10.99 17.51 -7.03
N ASN A 338 -11.32 16.80 -5.95
CA ASN A 338 -10.97 15.38 -5.81
C ASN A 338 -9.49 15.14 -6.06
N ILE A 339 -8.65 15.97 -5.45
CA ILE A 339 -7.23 15.73 -5.61
C ILE A 339 -6.87 14.84 -4.43
N PRO A 340 -6.28 13.68 -4.63
CA PRO A 340 -5.92 12.79 -3.52
C PRO A 340 -4.76 13.35 -2.63
N THR A 341 -4.79 13.27 -1.31
CA THR A 341 -3.59 13.64 -0.53
C THR A 341 -3.15 12.45 0.36
N VAL A 342 -1.85 12.23 0.52
CA VAL A 342 -1.35 11.34 1.57
C VAL A 342 -0.41 12.12 2.53
N VAL A 343 -0.68 12.17 3.83
CA VAL A 343 0.22 12.80 4.84
C VAL A 343 1.14 11.67 5.39
N PHE A 344 2.45 11.72 5.29
CA PHE A 344 3.35 10.74 5.88
C PHE A 344 3.59 10.93 7.35
N SER A 345 2.50 10.83 8.07
CA SER A 345 2.48 10.90 9.52
C SER A 345 2.79 9.52 10.14
N HIS A 346 2.61 9.38 11.44
CA HIS A 346 2.72 8.07 12.05
C HIS A 346 1.36 7.94 12.69
N PRO A 347 0.39 7.15 12.18
CA PRO A 347 0.46 6.36 10.96
C PRO A 347 0.08 7.16 9.72
N PRO A 348 0.35 6.81 8.46
CA PRO A 348 -0.02 7.61 7.30
C PRO A 348 -1.53 7.83 7.22
N ILE A 349 -1.82 8.94 6.53
CA ILE A 349 -3.19 9.46 6.32
C ILE A 349 -3.40 9.47 4.83
N GLY A 350 -4.57 9.07 4.32
CA GLY A 350 -4.83 9.11 2.90
C GLY A 350 -6.20 9.77 2.80
N THR A 351 -6.50 10.78 1.93
CA THR A 351 -7.82 11.45 1.95
C THR A 351 -8.06 11.97 0.55
N VAL A 352 -9.30 11.94 0.06
CA VAL A 352 -9.67 12.47 -1.24
C VAL A 352 -11.17 12.73 -1.19
N GLY A 353 -11.62 13.86 -1.78
CA GLY A 353 -13.03 14.17 -1.76
C GLY A 353 -13.40 14.83 -0.47
N LEU A 354 -14.69 14.91 -0.19
CA LEU A 354 -15.18 15.71 0.91
C LEU A 354 -15.11 15.01 2.23
N THR A 355 -14.91 15.81 3.28
CA THR A 355 -14.92 15.33 4.64
C THR A 355 -16.38 15.08 4.98
N GLU A 356 -16.75 14.43 6.07
CA GLU A 356 -18.13 14.22 6.41
C GLU A 356 -18.83 15.54 6.74
N PRO A 357 -18.29 16.52 7.50
CA PRO A 357 -18.91 17.84 7.71
C PRO A 357 -19.18 18.51 6.37
N GLN A 358 -18.20 18.55 5.46
CA GLN A 358 -18.39 19.13 4.14
C GLN A 358 -19.55 18.52 3.39
N ALA A 359 -19.57 17.21 3.23
CA ALA A 359 -20.68 16.53 2.61
C ALA A 359 -21.98 16.84 3.36
N ARG A 360 -22.07 16.86 4.69
CA ARG A 360 -23.34 17.12 5.34
C ARG A 360 -23.82 18.55 5.23
N GLU A 361 -22.91 19.47 4.86
CA GLU A 361 -23.27 20.86 4.67
C GLU A 361 -23.76 20.96 3.26
N GLN A 362 -22.98 20.48 2.31
CA GLN A 362 -23.34 20.57 0.91
C GLN A 362 -24.53 19.71 0.48
N TYR A 363 -24.88 18.61 1.14
CA TYR A 363 -25.99 17.77 0.68
C TYR A 363 -27.05 17.60 1.73
N GLY A 364 -26.71 17.96 2.97
CA GLY A 364 -27.62 17.81 4.08
C GLY A 364 -27.55 16.42 4.66
N ASP A 365 -27.78 16.36 5.97
CA ASP A 365 -27.69 15.14 6.75
C ASP A 365 -28.52 14.03 6.16
N ASP A 366 -29.67 14.37 5.62
CA ASP A 366 -30.58 13.39 5.07
C ASP A 366 -30.08 12.68 3.83
N GLN A 367 -29.09 13.26 3.16
CA GLN A 367 -28.52 12.72 1.94
C GLN A 367 -27.18 12.03 2.14
N VAL A 368 -26.61 12.03 3.35
CA VAL A 368 -25.25 11.57 3.52
C VAL A 368 -25.33 10.26 4.26
N LYS A 369 -24.56 9.25 3.83
CA LYS A 369 -24.49 7.94 4.48
C LYS A 369 -23.00 7.71 4.68
N VAL A 370 -22.58 7.44 5.90
CA VAL A 370 -21.17 7.28 6.19
C VAL A 370 -20.91 5.84 6.61
N TYR A 371 -19.85 5.24 6.13
CA TYR A 371 -19.45 3.90 6.53
C TYR A 371 -18.13 3.97 7.24
N LYS A 372 -18.01 3.50 8.47
CA LYS A 372 -16.71 3.58 9.13
C LYS A 372 -16.17 2.21 9.51
N SER A 373 -14.87 2.02 9.57
CA SER A 373 -14.30 0.77 10.01
C SER A 373 -13.16 1.14 10.96
N SER A 374 -13.04 0.52 12.12
CA SER A 374 -11.89 0.78 12.96
C SER A 374 -11.25 -0.56 13.29
N PHE A 375 -9.94 -0.79 13.22
CA PHE A 375 -9.36 -2.08 13.55
C PHE A 375 -7.88 -1.93 13.91
N THR A 376 -7.18 -2.90 14.50
CA THR A 376 -5.76 -2.79 14.88
C THR A 376 -5.00 -3.17 13.67
N ALA A 377 -3.95 -2.45 13.30
CA ALA A 377 -3.22 -2.79 12.11
C ALA A 377 -2.54 -4.14 12.41
N MET A 378 -2.60 -5.13 11.52
CA MET A 378 -2.11 -6.49 11.78
C MET A 378 -0.67 -6.50 12.22
N TYR A 379 0.18 -5.71 11.56
CA TYR A 379 1.56 -5.54 11.94
C TYR A 379 1.79 -5.28 13.43
N THR A 380 0.87 -4.62 14.09
CA THR A 380 1.00 -4.21 15.47
C THR A 380 0.16 -5.15 16.32
N ALA A 381 -0.76 -5.98 15.75
CA ALA A 381 -1.75 -6.66 16.56
C ALA A 381 -1.05 -7.70 17.42
N VAL A 382 0.10 -8.21 16.99
CA VAL A 382 0.80 -9.22 17.84
C VAL A 382 1.81 -8.62 18.83
N THR A 383 1.75 -7.26 19.08
CA THR A 383 2.71 -6.55 19.95
C THR A 383 2.02 -5.81 21.11
N THR A 384 2.77 -5.26 22.07
CA THR A 384 2.14 -4.45 23.09
C THR A 384 2.05 -2.96 22.65
N HIS A 385 2.26 -2.61 21.36
CA HIS A 385 2.19 -1.25 20.80
C HIS A 385 1.24 -1.36 19.63
N ARG A 386 0.02 -1.75 19.95
CA ARG A 386 -1.01 -1.92 18.91
C ARG A 386 -1.48 -0.56 18.43
N GLN A 387 -1.74 -0.32 17.14
CA GLN A 387 -2.07 0.98 16.63
C GLN A 387 -3.39 0.89 15.89
N PRO A 388 -4.36 1.84 16.02
CA PRO A 388 -5.58 1.85 15.24
C PRO A 388 -5.30 2.09 13.79
N CYS A 389 -6.27 1.64 13.02
CA CYS A 389 -6.40 1.92 11.62
C CYS A 389 -7.85 2.35 11.60
N ARG A 390 -8.29 3.42 10.91
CA ARG A 390 -9.68 3.83 10.93
C ARG A 390 -9.96 4.33 9.54
N MET A 391 -11.07 3.90 8.89
CA MET A 391 -11.35 4.24 7.50
C MET A 391 -12.77 4.70 7.37
N LYS A 392 -13.08 5.56 6.42
CA LYS A 392 -14.45 6.12 6.36
C LYS A 392 -14.77 6.35 4.89
N LEU A 393 -15.99 5.95 4.55
CA LEU A 393 -16.52 6.22 3.22
C LEU A 393 -17.66 7.21 3.42
N VAL A 394 -17.67 8.28 2.65
CA VAL A 394 -18.80 9.24 2.74
C VAL A 394 -19.56 9.16 1.42
N CYS A 395 -20.82 8.77 1.53
CA CYS A 395 -21.69 8.46 0.38
C CYS A 395 -22.84 9.40 0.28
N VAL A 396 -23.31 9.83 -0.88
CA VAL A 396 -24.52 10.66 -0.96
C VAL A 396 -25.59 10.05 -1.85
N GLY A 397 -26.83 10.34 -1.49
CA GLY A 397 -27.97 9.92 -2.29
C GLY A 397 -28.32 8.44 -2.16
N SER A 398 -29.41 8.04 -2.80
CA SER A 398 -29.91 6.67 -2.75
C SER A 398 -28.95 5.69 -3.37
N GLU A 399 -28.20 6.19 -4.35
CA GLU A 399 -27.22 5.43 -5.10
C GLU A 399 -25.95 5.29 -4.32
N GLU A 400 -25.81 6.05 -3.22
CA GLU A 400 -24.61 6.12 -2.42
C GLU A 400 -23.35 6.29 -3.27
N LYS A 401 -23.42 7.37 -4.03
CA LYS A 401 -22.27 7.75 -4.83
C LYS A 401 -21.22 8.12 -3.82
N ILE A 402 -19.96 7.71 -3.96
CA ILE A 402 -18.94 8.00 -2.97
C ILE A 402 -18.37 9.42 -3.21
N VAL A 403 -18.46 10.28 -2.21
CA VAL A 403 -17.87 11.61 -2.35
C VAL A 403 -16.65 11.82 -1.48
N GLY A 404 -16.31 11.00 -0.48
CA GLY A 404 -15.03 11.18 0.16
C GLY A 404 -14.53 9.86 0.71
N ILE A 405 -13.25 9.51 0.57
CA ILE A 405 -12.65 8.27 1.11
C ILE A 405 -11.58 8.74 2.11
N HIS A 406 -11.63 8.46 3.39
CA HIS A 406 -10.61 8.94 4.31
C HIS A 406 -10.06 7.72 5.08
N GLY A 407 -8.80 7.68 5.45
CA GLY A 407 -8.34 6.60 6.31
C GLY A 407 -7.07 6.99 7.02
N ILE A 408 -6.82 6.47 8.19
CA ILE A 408 -5.53 6.72 8.79
C ILE A 408 -4.98 5.37 9.33
N GLY A 409 -3.82 4.86 8.94
CA GLY A 409 -3.29 3.64 9.56
C GLY A 409 -2.22 3.07 8.65
N PHE A 410 -1.52 2.00 9.02
CA PHE A 410 -0.59 1.42 8.07
C PHE A 410 -1.22 1.04 6.72
N GLY A 411 -0.52 1.36 5.60
CA GLY A 411 -0.98 1.07 4.29
C GLY A 411 -1.70 2.25 3.64
N MET A 412 -2.13 3.30 4.37
CA MET A 412 -2.93 4.41 3.75
C MET A 412 -2.13 5.11 2.69
N ASP A 413 -0.81 5.09 2.80
CA ASP A 413 0.04 5.68 1.80
C ASP A 413 0.04 5.11 0.42
N GLU A 414 0.03 3.75 0.37
CA GLU A 414 0.10 3.12 -0.93
C GLU A 414 -1.26 2.75 -1.43
N MET A 415 -2.23 2.57 -0.59
CA MET A 415 -3.50 2.07 -1.08
C MET A 415 -4.44 3.11 -1.70
N LEU A 416 -4.21 4.41 -1.45
CA LEU A 416 -5.21 5.40 -1.84
C LEU A 416 -5.33 5.68 -3.34
N GLN A 417 -4.27 5.63 -4.12
CA GLN A 417 -4.27 5.98 -5.51
C GLN A 417 -5.35 5.35 -6.37
N GLY A 418 -5.41 4.02 -6.31
CA GLY A 418 -6.38 3.29 -7.11
C GLY A 418 -7.76 3.68 -6.67
N PHE A 419 -8.01 3.90 -5.38
CA PHE A 419 -9.33 4.29 -4.98
C PHE A 419 -9.68 5.71 -5.44
N ALA A 420 -8.70 6.57 -5.75
CA ALA A 420 -8.93 7.91 -6.25
C ALA A 420 -9.39 7.88 -7.71
N VAL A 421 -8.82 6.95 -8.50
CA VAL A 421 -9.21 6.67 -9.90
C VAL A 421 -10.67 6.29 -9.92
N ALA A 422 -11.00 5.37 -9.03
CA ALA A 422 -12.34 4.90 -8.85
C ALA A 422 -13.25 6.07 -8.48
N LEU A 423 -12.84 6.91 -7.53
CA LEU A 423 -13.62 8.07 -7.12
C LEU A 423 -13.84 9.00 -8.31
N LYS A 424 -12.79 9.25 -9.08
CA LYS A 424 -12.83 10.07 -10.26
C LYS A 424 -13.83 9.54 -11.32
N MET A 425 -14.00 8.24 -11.46
CA MET A 425 -14.94 7.63 -12.39
C MET A 425 -16.38 7.68 -11.92
N GLY A 426 -16.63 8.02 -10.67
CA GLY A 426 -17.99 8.07 -10.20
C GLY A 426 -18.45 6.80 -9.54
N ALA A 427 -17.58 6.17 -8.75
CA ALA A 427 -17.87 4.90 -8.07
C ALA A 427 -18.96 5.05 -7.04
N THR A 428 -19.74 4.02 -6.79
CA THR A 428 -20.79 4.06 -5.79
C THR A 428 -20.36 2.97 -4.81
N LYS A 429 -20.99 2.88 -3.66
CA LYS A 429 -20.76 1.84 -2.69
C LYS A 429 -20.83 0.47 -3.36
N LYS A 430 -21.78 0.28 -4.30
CA LYS A 430 -21.99 -0.97 -4.97
C LYS A 430 -20.76 -1.33 -5.75
N ASP A 431 -20.14 -0.38 -6.46
CA ASP A 431 -18.92 -0.69 -7.20
C ASP A 431 -17.79 -1.22 -6.31
N PHE A 432 -17.69 -0.69 -5.08
CA PHE A 432 -16.67 -1.11 -4.14
C PHE A 432 -17.06 -2.52 -3.77
N ASP A 433 -18.24 -2.67 -3.23
CA ASP A 433 -18.79 -3.93 -2.85
C ASP A 433 -18.76 -5.10 -3.79
N ASN A 434 -18.86 -4.85 -5.07
CA ASN A 434 -18.80 -5.92 -6.02
C ASN A 434 -17.40 -6.26 -6.49
N THR A 435 -16.36 -5.69 -5.88
CA THR A 435 -14.99 -6.06 -6.22
C THR A 435 -14.63 -7.07 -5.12
N VAL A 436 -13.94 -8.15 -5.42
CA VAL A 436 -13.53 -9.17 -4.44
C VAL A 436 -12.35 -8.65 -3.62
N ALA A 437 -12.38 -8.81 -2.32
CA ALA A 437 -11.29 -8.33 -1.48
C ALA A 437 -9.99 -9.10 -1.70
N ILE A 438 -8.88 -8.61 -1.14
CA ILE A 438 -7.56 -9.20 -1.19
C ILE A 438 -7.24 -9.39 0.28
N HIS A 439 -6.84 -10.60 0.71
CA HIS A 439 -6.75 -10.88 2.13
C HIS A 439 -5.42 -11.54 2.29
N PRO A 440 -4.63 -11.24 3.33
CA PRO A 440 -4.91 -10.22 4.35
C PRO A 440 -4.30 -8.83 4.05
N THR A 441 -5.14 -7.78 3.81
CA THR A 441 -4.62 -6.45 3.62
C THR A 441 -5.52 -5.50 4.43
N ALA A 442 -5.08 -4.24 4.55
CA ALA A 442 -5.90 -3.18 5.17
C ALA A 442 -6.82 -2.60 4.09
N ALA A 443 -6.32 -2.52 2.88
CA ALA A 443 -7.06 -1.99 1.77
C ALA A 443 -8.39 -2.71 1.55
N GLU A 444 -8.46 -4.00 1.85
CA GLU A 444 -9.70 -4.73 1.65
C GLU A 444 -10.83 -4.27 2.58
N GLU A 445 -10.55 -3.52 3.63
CA GLU A 445 -11.59 -3.01 4.49
C GLU A 445 -12.48 -2.00 3.78
N PHE A 446 -12.05 -1.37 2.69
CA PHE A 446 -12.89 -0.41 1.96
C PHE A 446 -13.88 -1.15 1.05
N VAL A 447 -13.63 -2.41 0.67
CA VAL A 447 -14.59 -3.11 -0.20
C VAL A 447 -15.50 -4.10 0.54
N THR A 448 -15.48 -4.08 1.87
CA THR A 448 -16.24 -4.99 2.71
C THR A 448 -16.87 -4.28 3.89
N MET A 449 -17.13 -2.97 3.74
CA MET A 449 -17.71 -2.16 4.82
C MET A 449 -19.17 -2.44 4.72
N ARG A 450 -19.78 -2.45 5.88
CA ARG A 450 -21.17 -2.78 6.00
C ARG A 450 -21.84 -1.82 6.99
N THR B 2 -32.92 -37.20 16.00
CA THR B 2 -32.78 -36.21 14.98
C THR B 2 -33.37 -34.80 15.06
N LYS B 3 -32.38 -33.92 15.18
CA LYS B 3 -32.58 -32.48 15.12
C LYS B 3 -32.59 -32.09 13.67
N HIS B 4 -33.47 -31.20 13.28
CA HIS B 4 -33.53 -30.71 11.93
C HIS B 4 -33.16 -29.21 11.91
N TYR B 5 -32.33 -28.79 10.96
CA TYR B 5 -31.92 -27.39 10.81
C TYR B 5 -32.43 -26.89 9.48
N ASP B 6 -32.48 -25.56 9.27
CA ASP B 6 -32.78 -25.11 7.92
C ASP B 6 -31.48 -25.18 7.14
N TYR B 7 -30.27 -25.05 7.69
CA TYR B 7 -29.10 -24.94 6.81
C TYR B 7 -27.98 -25.55 7.60
N ILE B 8 -27.08 -26.33 7.02
CA ILE B 8 -25.99 -26.91 7.80
C ILE B 8 -24.80 -26.72 6.91
N ALA B 9 -23.70 -26.23 7.46
CA ALA B 9 -22.49 -26.14 6.65
C ALA B 9 -21.54 -27.22 7.13
N ILE B 10 -20.77 -27.94 6.31
CA ILE B 10 -19.77 -28.93 6.81
C ILE B 10 -18.45 -28.20 6.56
N GLY B 11 -17.78 -27.69 7.61
CA GLY B 11 -16.55 -26.96 7.43
C GLY B 11 -16.67 -25.55 8.00
N GLY B 12 -15.93 -25.24 9.04
CA GLY B 12 -16.01 -23.90 9.66
C GLY B 12 -14.80 -23.09 9.22
N GLY B 13 -14.41 -23.20 7.96
CA GLY B 13 -13.35 -22.38 7.40
C GLY B 13 -13.97 -21.12 6.77
N SER B 14 -13.30 -20.58 5.79
CA SER B 14 -13.74 -19.34 5.16
C SER B 14 -15.13 -19.41 4.52
N GLY B 15 -15.44 -20.36 3.59
CA GLY B 15 -16.77 -20.37 2.97
C GLY B 15 -17.83 -20.71 3.97
N GLY B 16 -17.49 -21.62 4.86
CA GLY B 16 -18.50 -22.09 5.80
C GLY B 16 -18.90 -21.09 6.81
N ILE B 17 -17.92 -20.34 7.41
CA ILE B 17 -18.36 -19.37 8.39
C ILE B 17 -19.12 -18.18 7.73
N ALA B 18 -18.72 -17.74 6.56
CA ALA B 18 -19.33 -16.61 5.89
C ALA B 18 -20.72 -17.03 5.47
N SER B 19 -20.93 -18.15 4.77
CA SER B 19 -22.31 -18.50 4.38
C SER B 19 -23.24 -18.78 5.58
N ILE B 20 -22.74 -19.46 6.62
CA ILE B 20 -23.63 -19.73 7.73
C ILE B 20 -23.98 -18.44 8.45
N ASN B 21 -23.11 -17.43 8.54
CA ASN B 21 -23.48 -16.24 9.33
C ASN B 21 -24.49 -15.40 8.56
N ARG B 22 -24.32 -15.32 7.26
CA ARG B 22 -25.28 -14.57 6.47
C ARG B 22 -26.65 -15.25 6.51
N ALA B 23 -26.68 -16.60 6.59
CA ALA B 23 -27.98 -17.29 6.66
C ALA B 23 -28.64 -17.03 8.00
N ALA B 24 -27.90 -17.13 9.09
CA ALA B 24 -28.46 -16.88 10.40
C ALA B 24 -29.02 -15.46 10.57
N MET B 25 -28.45 -14.53 9.81
CA MET B 25 -28.88 -13.13 9.84
C MET B 25 -30.31 -13.09 9.33
N TYR B 26 -30.67 -13.92 8.34
CA TYR B 26 -32.03 -13.89 7.85
C TYR B 26 -32.99 -14.80 8.56
N GLY B 27 -32.76 -15.21 9.80
CA GLY B 27 -33.71 -16.07 10.49
C GLY B 27 -33.46 -17.58 10.31
N GLN B 28 -32.56 -18.14 9.53
CA GLN B 28 -32.40 -19.60 9.41
C GLN B 28 -31.77 -20.19 10.66
N LYS B 29 -32.30 -21.30 11.19
CA LYS B 29 -31.65 -21.99 12.32
C LYS B 29 -30.55 -22.80 11.71
N CYS B 30 -29.30 -22.58 12.11
CA CYS B 30 -28.17 -23.23 11.46
C CYS B 30 -27.23 -24.04 12.35
N ALA B 31 -26.42 -24.88 11.72
CA ALA B 31 -25.38 -25.60 12.44
C ALA B 31 -24.14 -25.57 11.57
N LEU B 32 -23.04 -25.31 12.26
CA LEU B 32 -21.77 -25.24 11.59
C LEU B 32 -21.04 -26.50 12.05
N ILE B 33 -20.44 -27.36 11.24
CA ILE B 33 -19.76 -28.54 11.83
C ILE B 33 -18.30 -28.37 11.50
N GLU B 34 -17.44 -28.39 12.52
CA GLU B 34 -16.03 -28.29 12.25
C GLU B 34 -15.27 -29.42 12.95
N ALA B 35 -14.42 -30.16 12.24
CA ALA B 35 -13.62 -31.26 12.80
C ALA B 35 -12.39 -30.83 13.61
N LYS B 36 -11.83 -29.63 13.43
CA LYS B 36 -10.61 -29.18 14.09
C LYS B 36 -10.81 -27.80 14.71
N GLU B 37 -10.36 -26.70 14.06
CA GLU B 37 -10.41 -25.40 14.67
C GLU B 37 -11.21 -24.41 13.83
N LEU B 38 -11.95 -23.49 14.46
CA LEU B 38 -12.65 -22.47 13.68
C LEU B 38 -11.66 -21.61 12.94
N GLY B 39 -12.11 -21.30 11.74
CA GLY B 39 -11.35 -20.47 10.88
C GLY B 39 -10.65 -21.20 9.81
N GLY B 40 -10.52 -22.56 9.86
CA GLY B 40 -10.01 -23.31 8.75
C GLY B 40 -8.62 -23.01 8.38
N THR B 41 -8.27 -23.21 7.14
CA THR B 41 -6.90 -23.05 6.66
C THR B 41 -6.41 -21.61 6.87
N CYS B 42 -7.26 -20.66 6.52
CA CYS B 42 -6.97 -19.23 6.61
C CYS B 42 -6.43 -18.73 7.93
N VAL B 43 -7.21 -18.93 8.98
CA VAL B 43 -6.93 -18.46 10.26
C VAL B 43 -5.84 -19.33 10.88
N ASN B 44 -5.79 -20.64 10.57
CA ASN B 44 -4.93 -21.49 11.38
C ASN B 44 -3.67 -21.87 10.75
N VAL B 45 -3.60 -22.13 9.45
CA VAL B 45 -2.38 -22.59 8.81
C VAL B 45 -2.21 -21.96 7.45
N GLY B 46 -2.72 -20.72 7.30
CA GLY B 46 -2.65 -20.10 6.02
C GLY B 46 -2.47 -18.57 6.19
N CYS B 47 -3.42 -17.84 5.63
CA CYS B 47 -3.44 -16.38 5.58
C CYS B 47 -2.90 -15.64 6.80
N VAL B 48 -3.52 -15.76 7.99
CA VAL B 48 -3.12 -15.01 9.16
C VAL B 48 -1.73 -15.41 9.62
N PRO B 49 -1.32 -16.67 9.91
CA PRO B 49 0.01 -16.89 10.48
C PRO B 49 1.05 -16.61 9.41
N LYS B 50 0.72 -16.82 8.14
CA LYS B 50 1.67 -16.57 7.08
C LYS B 50 2.07 -15.07 7.12
N LYS B 51 1.09 -14.13 7.21
CA LYS B 51 1.41 -12.72 7.13
C LYS B 51 2.18 -12.37 8.41
N VAL B 52 1.87 -12.92 9.59
CA VAL B 52 2.62 -12.63 10.79
C VAL B 52 4.08 -12.97 10.61
N MET B 53 4.34 -14.07 9.88
CA MET B 53 5.69 -14.52 9.64
C MET B 53 6.34 -13.67 8.55
N TRP B 54 5.55 -13.07 7.63
CA TRP B 54 6.10 -12.20 6.59
C TRP B 54 6.58 -10.89 7.28
N HIS B 55 5.81 -10.37 8.23
CA HIS B 55 6.18 -9.18 9.00
C HIS B 55 7.42 -9.46 9.79
N ALA B 56 7.56 -10.63 10.44
CA ALA B 56 8.80 -10.90 11.18
C ALA B 56 9.94 -10.89 10.21
N ALA B 57 9.82 -11.38 8.99
CA ALA B 57 10.89 -11.28 8.00
C ALA B 57 11.17 -9.83 7.60
N GLN B 58 10.11 -8.99 7.50
CA GLN B 58 10.25 -7.58 7.14
C GLN B 58 11.11 -6.90 8.19
N ILE B 59 10.81 -7.16 9.46
CA ILE B 59 11.60 -6.64 10.57
C ILE B 59 13.03 -7.12 10.58
N ARG B 60 13.37 -8.41 10.42
CA ARG B 60 14.76 -8.83 10.46
C ARG B 60 15.50 -8.20 9.29
N GLU B 61 14.90 -8.11 8.11
CA GLU B 61 15.51 -7.47 6.97
C GLU B 61 15.72 -5.97 7.20
N ALA B 62 14.85 -5.31 7.95
CA ALA B 62 15.00 -3.89 8.30
C ALA B 62 16.24 -3.79 9.21
N ILE B 63 16.39 -4.60 10.26
CA ILE B 63 17.55 -4.61 11.16
C ILE B 63 18.83 -5.03 10.45
N HIS B 64 18.72 -6.00 9.57
CA HIS B 64 19.90 -6.62 9.04
C HIS B 64 20.33 -6.25 7.66
N MET B 65 19.38 -5.87 6.83
CA MET B 65 19.78 -5.64 5.47
C MET B 65 19.70 -4.17 5.09
N TYR B 66 18.64 -3.50 5.52
CA TYR B 66 18.51 -2.10 5.06
C TYR B 66 19.04 -1.20 6.18
N GLY B 67 18.73 -1.47 7.43
CA GLY B 67 19.15 -0.67 8.58
C GLY B 67 20.56 -0.10 8.53
N PRO B 68 21.62 -0.89 8.33
CA PRO B 68 22.99 -0.42 8.25
C PRO B 68 23.25 0.80 7.34
N ASP B 69 22.65 0.92 6.16
CA ASP B 69 22.86 2.00 5.19
C ASP B 69 22.00 3.22 5.48
N TYR B 70 21.13 3.11 6.45
CA TYR B 70 20.38 4.20 6.99
C TYR B 70 21.08 4.63 8.29
N GLY B 71 22.26 4.07 8.60
CA GLY B 71 23.04 4.38 9.76
C GLY B 71 22.73 3.60 11.01
N PHE B 72 21.82 2.59 11.07
CA PHE B 72 21.65 1.88 12.35
C PHE B 72 22.64 0.70 12.46
N ASP B 73 23.58 0.76 13.41
CA ASP B 73 24.52 -0.32 13.69
C ASP B 73 23.82 -1.08 14.79
N THR B 74 23.27 -2.21 14.42
CA THR B 74 22.45 -3.03 15.27
C THR B 74 23.06 -4.43 15.51
N THR B 75 22.87 -5.02 16.68
CA THR B 75 23.28 -6.38 16.96
C THR B 75 22.02 -7.12 17.40
N ILE B 76 21.65 -8.22 16.74
CA ILE B 76 20.53 -9.04 17.18
C ILE B 76 21.17 -9.91 18.25
N ASN B 77 20.84 -9.68 19.50
CA ASN B 77 21.35 -10.45 20.60
C ASN B 77 20.81 -11.86 20.67
N LYS B 78 19.55 -12.03 20.28
CA LYS B 78 18.90 -13.32 20.30
C LYS B 78 17.66 -13.17 19.46
N PHE B 79 17.38 -14.13 18.59
CA PHE B 79 16.08 -14.14 17.96
C PHE B 79 15.33 -15.31 18.58
N ASN B 80 14.38 -14.99 19.44
CA ASN B 80 13.58 -15.98 20.12
C ASN B 80 12.32 -16.44 19.37
N TRP B 81 12.48 -17.57 18.69
CA TRP B 81 11.43 -18.23 17.89
C TRP B 81 10.23 -18.54 18.75
N GLU B 82 10.48 -18.93 20.01
CA GLU B 82 9.41 -19.26 20.93
C GLU B 82 8.59 -18.03 21.16
N THR B 83 9.17 -16.84 21.38
CA THR B 83 8.34 -15.63 21.54
C THR B 83 7.48 -15.33 20.31
N LEU B 84 8.05 -15.27 19.11
CA LEU B 84 7.32 -15.06 17.89
C LEU B 84 6.11 -16.01 17.72
N ILE B 85 6.33 -17.30 17.92
CA ILE B 85 5.29 -18.30 17.80
C ILE B 85 4.24 -18.08 18.88
N ALA B 86 4.66 -17.70 20.10
CA ALA B 86 3.67 -17.46 21.13
C ALA B 86 2.79 -16.26 20.79
N SER B 87 3.34 -15.17 20.23
CA SER B 87 2.53 -13.98 19.89
C SER B 87 1.61 -14.35 18.71
N ARG B 88 2.10 -15.07 17.73
CA ARG B 88 1.28 -15.52 16.60
C ARG B 88 0.11 -16.37 17.07
N THR B 89 0.36 -17.30 17.97
CA THR B 89 -0.67 -18.16 18.48
C THR B 89 -1.69 -17.45 19.30
N ALA B 90 -1.28 -16.52 20.16
CA ALA B 90 -2.25 -15.78 20.94
C ALA B 90 -3.21 -14.96 20.08
N TYR B 91 -2.70 -14.48 18.94
CA TYR B 91 -3.47 -13.64 18.01
C TYR B 91 -4.49 -14.61 17.37
N ILE B 92 -4.07 -15.79 16.89
CA ILE B 92 -5.04 -16.78 16.34
C ILE B 92 -6.04 -17.24 17.39
N ASP B 93 -5.73 -17.30 18.68
CA ASP B 93 -6.71 -17.70 19.67
C ASP B 93 -7.76 -16.62 19.86
N ARG B 94 -7.35 -15.34 19.85
CA ARG B 94 -8.27 -14.23 19.97
C ARG B 94 -9.22 -14.19 18.77
N ILE B 95 -8.74 -14.48 17.58
CA ILE B 95 -9.59 -14.66 16.40
C ILE B 95 -10.55 -15.86 16.57
N HIS B 96 -10.16 -16.97 17.20
CA HIS B 96 -11.12 -18.05 17.40
C HIS B 96 -12.21 -17.50 18.29
N THR B 97 -11.84 -16.79 19.35
CA THR B 97 -12.79 -16.24 20.30
C THR B 97 -13.82 -15.29 19.68
N SER B 98 -13.52 -14.48 18.67
CA SER B 98 -14.48 -13.53 18.13
C SER B 98 -15.40 -14.20 17.12
N TYR B 99 -14.89 -15.19 16.38
CA TYR B 99 -15.74 -16.03 15.54
C TYR B 99 -16.76 -16.69 16.44
N GLU B 100 -16.38 -17.33 17.56
CA GLU B 100 -17.37 -17.97 18.44
C GLU B 100 -18.35 -16.96 18.93
N ASN B 101 -17.87 -15.71 19.13
CA ASN B 101 -18.73 -14.64 19.58
C ASN B 101 -19.79 -14.34 18.51
N VAL B 102 -19.42 -14.07 17.27
CA VAL B 102 -20.39 -13.84 16.22
C VAL B 102 -21.31 -15.03 15.98
N LEU B 103 -20.84 -16.28 15.92
CA LEU B 103 -21.69 -17.45 15.67
C LEU B 103 -22.69 -17.62 16.81
N GLY B 104 -22.22 -17.32 18.02
CA GLY B 104 -23.04 -17.34 19.21
C GLY B 104 -24.12 -16.29 19.10
N LYS B 105 -23.81 -15.03 18.72
CA LYS B 105 -24.85 -13.99 18.62
C LYS B 105 -25.86 -14.44 17.56
N ASN B 106 -25.39 -15.02 16.49
CA ASN B 106 -26.25 -15.47 15.42
C ASN B 106 -27.00 -16.75 15.74
N ASN B 107 -26.88 -17.31 16.94
CA ASN B 107 -27.58 -18.51 17.39
C ASN B 107 -27.34 -19.72 16.49
N VAL B 108 -26.14 -19.85 15.98
CA VAL B 108 -25.70 -20.96 15.15
C VAL B 108 -25.23 -22.05 16.13
N ASP B 109 -25.64 -23.32 15.95
CA ASP B 109 -25.14 -24.41 16.80
C ASP B 109 -23.85 -24.93 16.19
N VAL B 110 -22.74 -24.74 16.86
CA VAL B 110 -21.45 -25.21 16.37
C VAL B 110 -21.24 -26.63 16.93
N ILE B 111 -20.98 -27.63 16.08
CA ILE B 111 -20.75 -28.98 16.51
C ILE B 111 -19.34 -29.35 16.14
N LYS B 112 -18.60 -29.90 17.09
CA LYS B 112 -17.21 -30.25 16.81
C LYS B 112 -17.05 -31.73 16.47
N GLY B 113 -16.79 -32.12 15.26
CA GLY B 113 -16.56 -33.51 14.95
C GLY B 113 -16.56 -33.70 13.46
N PHE B 114 -16.08 -34.81 12.91
CA PHE B 114 -16.05 -35.03 11.47
C PHE B 114 -17.44 -35.43 11.01
N ALA B 115 -18.07 -34.79 10.04
CA ALA B 115 -19.40 -35.19 9.63
C ALA B 115 -19.33 -36.04 8.40
N ARG B 116 -20.30 -36.94 8.25
CA ARG B 116 -20.31 -37.84 7.10
C ARG B 116 -21.75 -37.92 6.67
N PHE B 117 -21.97 -37.96 5.39
CA PHE B 117 -23.34 -38.10 4.89
C PHE B 117 -23.90 -39.48 5.14
N VAL B 118 -25.14 -39.54 5.61
CA VAL B 118 -25.87 -40.80 5.68
C VAL B 118 -26.71 -40.84 4.40
N ASP B 119 -27.41 -39.82 3.94
CA ASP B 119 -28.07 -39.80 2.63
C ASP B 119 -28.12 -38.34 2.16
N ALA B 120 -28.83 -37.94 1.11
CA ALA B 120 -28.89 -36.55 0.66
C ALA B 120 -29.30 -35.50 1.68
N LYS B 121 -30.11 -35.87 2.65
CA LYS B 121 -30.51 -34.89 3.64
C LYS B 121 -30.01 -35.29 4.99
N THR B 122 -29.14 -36.28 5.20
CA THR B 122 -28.88 -36.65 6.60
C THR B 122 -27.40 -36.71 6.88
N LEU B 123 -26.92 -36.30 8.06
CA LEU B 123 -25.51 -36.31 8.31
C LEU B 123 -25.28 -36.95 9.64
N GLU B 124 -24.19 -37.68 9.78
CA GLU B 124 -23.87 -38.25 11.07
C GLU B 124 -22.59 -37.56 11.52
N VAL B 125 -22.58 -37.17 12.78
CA VAL B 125 -21.44 -36.49 13.36
C VAL B 125 -21.48 -37.05 14.75
N ASN B 126 -20.39 -37.63 15.20
CA ASN B 126 -20.27 -38.13 16.57
C ASN B 126 -21.40 -39.02 17.06
N GLY B 127 -21.84 -39.97 16.22
CA GLY B 127 -22.91 -40.89 16.57
C GLY B 127 -24.28 -40.26 16.43
N GLU B 128 -24.42 -38.92 16.41
CA GLU B 128 -25.72 -38.33 16.21
C GLU B 128 -25.97 -38.07 14.74
N THR B 129 -27.24 -38.12 14.44
CA THR B 129 -27.82 -37.95 13.12
C THR B 129 -28.41 -36.53 13.12
N ILE B 130 -28.14 -35.66 12.16
CA ILE B 130 -28.79 -34.34 12.11
C ILE B 130 -29.27 -34.20 10.69
N THR B 131 -30.37 -33.49 10.46
CA THR B 131 -30.87 -33.38 9.11
C THR B 131 -31.14 -31.92 8.79
N ALA B 132 -31.16 -31.52 7.52
CA ALA B 132 -31.41 -30.11 7.20
C ALA B 132 -31.95 -30.02 5.80
N ASP B 133 -32.61 -28.91 5.52
CA ASP B 133 -33.21 -28.73 4.21
C ASP B 133 -32.14 -28.29 3.21
N HIS B 134 -31.07 -27.59 3.62
CA HIS B 134 -30.07 -27.17 2.67
C HIS B 134 -28.74 -27.58 3.27
N ILE B 135 -27.75 -28.09 2.53
CA ILE B 135 -26.47 -28.45 3.13
C ILE B 135 -25.34 -27.88 2.28
N LEU B 136 -24.40 -27.21 2.95
CA LEU B 136 -23.24 -26.61 2.32
C LEU B 136 -22.02 -27.51 2.56
N ILE B 137 -21.22 -27.94 1.61
CA ILE B 137 -20.04 -28.73 1.89
C ILE B 137 -18.90 -27.73 1.66
N ALA B 138 -18.22 -27.22 2.70
CA ALA B 138 -17.14 -26.25 2.55
C ALA B 138 -15.96 -26.90 3.23
N THR B 139 -15.52 -28.06 2.72
CA THR B 139 -14.49 -28.89 3.39
C THR B 139 -13.06 -28.52 3.09
N GLY B 140 -12.85 -27.70 2.06
CA GLY B 140 -11.53 -27.22 1.80
C GLY B 140 -10.68 -28.23 1.10
N GLY B 141 -9.40 -28.15 1.44
CA GLY B 141 -8.36 -28.90 0.77
C GLY B 141 -7.29 -29.33 1.76
N ARG B 142 -6.18 -29.86 1.26
CA ARG B 142 -5.08 -30.29 2.13
C ARG B 142 -3.77 -30.33 1.34
N PRO B 143 -2.55 -30.31 1.91
CA PRO B 143 -1.36 -30.40 1.11
C PRO B 143 -1.23 -31.75 0.40
N SER B 144 -0.79 -31.69 -0.86
CA SER B 144 -0.42 -32.79 -1.68
C SER B 144 1.03 -33.13 -1.37
N HIS B 145 1.51 -34.35 -1.56
CA HIS B 145 2.87 -34.80 -1.22
C HIS B 145 3.33 -35.62 -2.37
N PRO B 146 4.57 -35.60 -2.84
CA PRO B 146 4.98 -36.42 -3.98
C PRO B 146 5.06 -37.94 -3.68
N ASP B 147 5.12 -38.76 -4.71
CA ASP B 147 5.12 -40.20 -4.51
C ASP B 147 6.53 -40.58 -4.91
N ILE B 148 7.46 -40.43 -3.95
CA ILE B 148 8.87 -40.67 -4.22
C ILE B 148 9.46 -41.23 -2.94
N PRO B 149 10.57 -41.94 -2.94
CA PRO B 149 11.14 -42.53 -1.75
C PRO B 149 11.59 -41.48 -0.75
N GLY B 150 11.13 -41.42 0.46
CA GLY B 150 11.67 -40.50 1.45
C GLY B 150 10.76 -39.29 1.65
N VAL B 151 9.62 -39.26 0.93
CA VAL B 151 8.65 -38.18 1.02
C VAL B 151 8.30 -37.87 2.45
N GLU B 152 8.29 -38.90 3.31
CA GLU B 152 7.83 -38.71 4.66
C GLU B 152 8.88 -38.00 5.51
N TYR B 153 10.07 -37.74 4.98
CA TYR B 153 11.06 -36.99 5.76
C TYR B 153 10.76 -35.50 5.61
N GLY B 154 10.00 -35.12 4.58
CA GLY B 154 9.62 -33.75 4.33
C GLY B 154 8.37 -33.39 5.08
N ILE B 155 8.16 -32.10 5.30
CA ILE B 155 6.95 -31.61 5.95
C ILE B 155 6.25 -30.83 4.87
N ASP B 156 5.08 -30.35 5.14
CA ASP B 156 4.43 -29.48 4.16
C ASP B 156 4.10 -28.13 4.84
N SER B 157 3.25 -27.26 4.25
CA SER B 157 2.92 -25.99 4.88
C SER B 157 2.27 -26.17 6.23
N ASP B 158 1.39 -27.16 6.51
CA ASP B 158 0.95 -27.30 7.92
C ASP B 158 2.15 -27.57 8.86
N GLY B 159 3.14 -28.37 8.40
CA GLY B 159 4.29 -28.69 9.23
C GLY B 159 5.12 -27.43 9.47
N PHE B 160 5.34 -26.59 8.46
CA PHE B 160 6.04 -25.29 8.63
C PHE B 160 5.45 -24.47 9.76
N PHE B 161 4.15 -24.45 9.94
CA PHE B 161 3.56 -23.71 11.04
C PHE B 161 3.67 -24.40 12.36
N ALA B 162 4.10 -25.66 12.37
CA ALA B 162 4.38 -26.36 13.61
C ALA B 162 5.90 -26.50 13.85
N LEU B 163 6.83 -26.07 12.99
CA LEU B 163 8.25 -26.08 13.29
C LEU B 163 8.60 -25.58 14.70
N PRO B 164 9.35 -26.34 15.52
CA PRO B 164 9.68 -25.93 16.88
C PRO B 164 10.86 -24.97 16.89
N ALA B 165 11.52 -24.78 15.78
CA ALA B 165 12.64 -23.89 15.70
C ALA B 165 12.89 -23.62 14.23
N LEU B 166 13.65 -22.59 13.92
CA LEU B 166 13.94 -22.27 12.53
C LEU B 166 15.14 -23.11 12.19
N PRO B 167 15.12 -24.00 11.21
CA PRO B 167 16.28 -24.78 10.77
C PRO B 167 17.38 -23.94 10.13
N GLU B 168 18.62 -24.41 10.18
CA GLU B 168 19.69 -23.66 9.54
C GLU B 168 19.66 -23.73 8.04
N ARG B 169 19.36 -24.90 7.46
CA ARG B 169 19.35 -25.07 6.01
C ARG B 169 17.99 -25.60 5.65
N VAL B 170 17.26 -24.97 4.72
CA VAL B 170 15.91 -25.36 4.37
C VAL B 170 15.88 -25.46 2.86
N ALA B 171 15.19 -26.49 2.34
CA ALA B 171 14.88 -26.69 0.92
C ALA B 171 13.38 -26.49 0.83
N VAL B 172 12.84 -25.78 -0.15
CA VAL B 172 11.42 -25.66 -0.34
C VAL B 172 11.29 -26.28 -1.72
N VAL B 173 10.33 -27.21 -1.97
CA VAL B 173 10.22 -27.77 -3.32
C VAL B 173 8.85 -27.38 -3.82
N GLY B 174 8.80 -26.78 -4.99
CA GLY B 174 7.54 -26.22 -5.45
C GLY B 174 7.76 -24.95 -6.27
N ALA B 175 6.73 -24.42 -6.94
CA ALA B 175 6.86 -23.26 -7.79
C ALA B 175 5.59 -22.43 -7.81
N GLY B 176 4.71 -22.58 -6.82
CA GLY B 176 3.52 -21.78 -6.75
C GLY B 176 3.69 -20.75 -5.64
N TYR B 177 2.53 -20.17 -5.33
CA TYR B 177 2.36 -19.15 -4.33
C TYR B 177 3.04 -19.56 -3.05
N ILE B 178 2.76 -20.78 -2.56
CA ILE B 178 3.18 -21.12 -1.22
C ILE B 178 4.66 -21.37 -1.12
N ALA B 179 5.23 -21.87 -2.21
CA ALA B 179 6.66 -22.11 -2.19
C ALA B 179 7.41 -20.77 -2.25
N VAL B 180 6.99 -19.82 -3.10
CA VAL B 180 7.62 -18.52 -3.22
C VAL B 180 7.48 -17.77 -1.91
N GLU B 181 6.32 -17.79 -1.28
CA GLU B 181 6.12 -17.16 -0.01
C GLU B 181 6.97 -17.73 1.08
N LEU B 182 6.82 -19.00 1.39
CA LEU B 182 7.61 -19.66 2.44
C LEU B 182 9.07 -19.54 2.24
N ALA B 183 9.58 -19.78 1.03
CA ALA B 183 10.97 -19.65 0.77
C ALA B 183 11.46 -18.23 1.01
N GLY B 184 10.76 -17.14 0.60
CA GLY B 184 11.26 -15.78 0.89
C GLY B 184 11.14 -15.44 2.36
N VAL B 185 10.13 -15.90 3.11
CA VAL B 185 10.05 -15.73 4.55
C VAL B 185 11.22 -16.41 5.26
N ILE B 186 11.51 -17.71 4.97
CA ILE B 186 12.59 -18.43 5.65
C ILE B 186 13.92 -17.79 5.31
N ASN B 187 14.12 -17.40 4.05
CA ASN B 187 15.30 -16.70 3.63
C ASN B 187 15.39 -15.39 4.39
N GLY B 188 14.33 -14.58 4.47
CA GLY B 188 14.35 -13.32 5.19
C GLY B 188 14.64 -13.49 6.67
N LEU B 189 14.21 -14.61 7.22
CA LEU B 189 14.46 -14.84 8.62
C LEU B 189 15.86 -15.35 8.93
N GLY B 190 16.72 -15.49 7.94
CA GLY B 190 18.10 -15.82 8.15
C GLY B 190 18.51 -17.26 7.85
N ALA B 191 17.67 -18.19 7.39
CA ALA B 191 18.13 -19.55 7.16
C ALA B 191 18.76 -19.70 5.78
N LYS B 192 19.75 -20.58 5.52
CA LYS B 192 20.27 -20.81 4.17
C LYS B 192 19.10 -21.54 3.48
N THR B 193 18.49 -20.91 2.49
CA THR B 193 17.27 -21.39 1.88
C THR B 193 17.46 -21.76 0.42
N HIS B 194 16.79 -22.80 -0.04
CA HIS B 194 16.94 -23.20 -1.43
C HIS B 194 15.55 -23.41 -1.96
N LEU B 195 15.29 -22.95 -3.17
CA LEU B 195 14.00 -23.14 -3.81
C LEU B 195 14.24 -24.08 -4.98
N PHE B 196 13.45 -25.15 -5.16
CA PHE B 196 13.67 -26.03 -6.30
C PHE B 196 12.45 -25.97 -7.16
N VAL B 197 12.62 -25.65 -8.44
CA VAL B 197 11.45 -25.58 -9.32
C VAL B 197 11.70 -26.54 -10.46
N ARG B 198 10.64 -27.12 -11.03
CA ARG B 198 10.84 -28.10 -12.09
C ARG B 198 11.21 -27.50 -13.40
N LYS B 199 10.64 -26.37 -13.83
CA LYS B 199 11.07 -25.78 -15.08
C LYS B 199 12.02 -24.60 -14.89
N HIS B 200 11.81 -23.51 -15.62
CA HIS B 200 12.74 -22.39 -15.70
C HIS B 200 12.58 -21.33 -14.64
N ALA B 201 11.44 -21.21 -14.00
CA ALA B 201 11.18 -20.13 -13.08
C ALA B 201 10.00 -20.57 -12.24
N PRO B 202 9.82 -19.97 -11.07
CA PRO B 202 8.63 -20.14 -10.28
C PRO B 202 7.53 -19.31 -10.91
N LEU B 203 6.27 -19.53 -10.49
CA LEU B 203 5.12 -18.72 -10.88
C LEU B 203 4.99 -18.59 -12.41
N ARG B 204 5.14 -19.72 -13.11
CA ARG B 204 5.15 -19.70 -14.56
C ARG B 204 3.81 -19.32 -15.16
N SER B 205 2.71 -19.34 -14.40
CA SER B 205 1.43 -18.94 -14.94
C SER B 205 1.18 -17.43 -14.81
N PHE B 206 1.99 -16.70 -14.00
CA PHE B 206 1.86 -15.27 -13.82
C PHE B 206 2.44 -14.54 -15.02
N ASP B 207 2.20 -13.23 -15.18
CA ASP B 207 2.75 -12.53 -16.33
C ASP B 207 4.27 -12.74 -16.35
N PRO B 208 4.91 -12.90 -17.50
CA PRO B 208 6.32 -13.21 -17.57
C PRO B 208 7.19 -12.21 -16.83
N MET B 209 6.79 -10.94 -16.81
CA MET B 209 7.55 -9.90 -16.11
C MET B 209 7.73 -10.20 -14.63
N ILE B 210 6.70 -10.71 -13.99
CA ILE B 210 6.70 -11.05 -12.60
C ILE B 210 7.67 -12.21 -12.39
N SER B 211 7.59 -13.35 -13.11
CA SER B 211 8.45 -14.49 -12.81
C SER B 211 9.88 -14.09 -13.14
N GLU B 212 10.06 -13.29 -14.21
CA GLU B 212 11.36 -12.74 -14.56
C GLU B 212 11.96 -11.86 -13.47
N THR B 213 11.21 -10.91 -12.93
CA THR B 213 11.76 -10.08 -11.89
C THR B 213 12.03 -10.92 -10.65
N LEU B 214 11.14 -11.84 -10.28
CA LEU B 214 11.29 -12.64 -9.06
C LEU B 214 12.56 -13.46 -9.12
N VAL B 215 12.91 -14.06 -10.26
CA VAL B 215 14.21 -14.69 -10.36
C VAL B 215 15.38 -13.70 -10.13
N GLU B 216 15.31 -12.45 -10.62
CA GLU B 216 16.36 -11.44 -10.45
C GLU B 216 16.63 -11.20 -9.01
N VAL B 217 15.55 -10.99 -8.25
CA VAL B 217 15.70 -10.72 -6.84
C VAL B 217 16.30 -11.96 -6.18
N MET B 218 15.83 -13.18 -6.49
CA MET B 218 16.32 -14.41 -5.86
C MET B 218 17.81 -14.57 -6.06
N ASN B 219 18.27 -14.31 -7.25
CA ASN B 219 19.68 -14.39 -7.54
C ASN B 219 20.49 -13.35 -6.81
N ALA B 220 19.93 -12.17 -6.59
CA ALA B 220 20.64 -11.13 -5.88
C ALA B 220 20.65 -11.34 -4.40
N GLU B 221 19.62 -11.88 -3.77
CA GLU B 221 19.60 -11.93 -2.32
C GLU B 221 18.98 -13.13 -1.63
N GLY B 222 18.86 -14.25 -2.34
CA GLY B 222 18.28 -15.44 -1.74
C GLY B 222 16.79 -15.43 -1.97
N PRO B 223 16.08 -16.55 -1.91
CA PRO B 223 16.61 -17.90 -1.75
C PRO B 223 17.47 -18.37 -2.91
N GLN B 224 18.39 -19.35 -2.73
CA GLN B 224 19.16 -19.88 -3.84
C GLN B 224 18.19 -20.67 -4.70
N LEU B 225 18.02 -20.33 -5.96
CA LEU B 225 17.02 -20.94 -6.82
C LEU B 225 17.58 -22.06 -7.67
N HIS B 226 16.99 -23.28 -7.73
CA HIS B 226 17.53 -24.35 -8.57
C HIS B 226 16.41 -24.68 -9.53
N THR B 227 16.72 -24.48 -10.80
CA THR B 227 15.77 -24.67 -11.90
C THR B 227 15.91 -26.08 -12.44
N ASN B 228 14.96 -26.51 -13.26
CA ASN B 228 15.01 -27.82 -13.93
C ASN B 228 15.20 -28.92 -12.93
N ALA B 229 14.52 -28.83 -11.80
CA ALA B 229 14.82 -29.70 -10.69
C ALA B 229 13.71 -30.72 -10.43
N ILE B 230 13.83 -32.02 -10.78
CA ILE B 230 12.75 -32.94 -10.47
C ILE B 230 13.24 -33.78 -9.30
N PRO B 231 12.57 -33.76 -8.14
CA PRO B 231 12.86 -34.59 -6.98
C PRO B 231 12.81 -36.05 -7.34
N LYS B 232 13.84 -36.78 -6.93
CA LYS B 232 13.92 -38.21 -7.14
C LYS B 232 13.79 -38.91 -5.78
N ALA B 233 14.41 -38.44 -4.72
CA ALA B 233 14.32 -39.14 -3.45
C ALA B 233 14.88 -38.21 -2.39
N VAL B 234 14.47 -38.40 -1.13
CA VAL B 234 15.05 -37.73 0.03
C VAL B 234 15.74 -38.80 0.94
N VAL B 235 17.02 -38.77 1.14
CA VAL B 235 17.75 -39.74 1.94
C VAL B 235 17.83 -39.21 3.34
N LYS B 236 17.41 -39.90 4.38
CA LYS B 236 17.69 -39.43 5.72
C LYS B 236 19.11 -39.88 6.00
N ASN B 237 19.99 -38.96 6.39
CA ASN B 237 21.36 -39.27 6.68
C ASN B 237 21.54 -39.59 8.14
N THR B 238 22.68 -40.20 8.44
CA THR B 238 23.05 -40.61 9.78
C THR B 238 22.97 -39.46 10.78
N ASP B 239 23.55 -38.29 10.44
CA ASP B 239 23.52 -37.19 11.39
C ASP B 239 22.19 -36.44 11.53
N GLY B 240 21.11 -36.91 10.89
CA GLY B 240 19.81 -36.26 11.00
C GLY B 240 19.44 -35.43 9.77
N SER B 241 20.41 -34.88 9.03
CA SER B 241 20.09 -34.10 7.87
C SER B 241 19.51 -34.96 6.76
N LEU B 242 18.85 -34.31 5.80
CA LEU B 242 18.21 -34.93 4.67
C LEU B 242 18.93 -34.50 3.43
N THR B 243 19.02 -35.38 2.44
CA THR B 243 19.64 -35.04 1.19
C THR B 243 18.60 -35.19 0.13
N LEU B 244 18.27 -34.09 -0.53
CA LEU B 244 17.35 -34.14 -1.63
C LEU B 244 18.18 -34.51 -2.83
N GLU B 245 17.73 -35.55 -3.54
CA GLU B 245 18.44 -35.91 -4.74
C GLU B 245 17.51 -35.62 -5.88
N LEU B 246 18.09 -35.14 -6.96
CA LEU B 246 17.27 -34.81 -8.09
C LEU B 246 17.54 -35.77 -9.23
N GLU B 247 16.55 -35.88 -10.11
CA GLU B 247 16.61 -36.71 -11.27
C GLU B 247 17.84 -36.48 -12.09
N ASP B 248 18.35 -35.25 -12.28
CA ASP B 248 19.56 -35.12 -13.07
C ASP B 248 20.84 -35.35 -12.29
N GLY B 249 20.78 -35.69 -11.02
CA GLY B 249 22.00 -36.06 -10.33
C GLY B 249 22.44 -35.07 -9.30
N ARG B 250 21.89 -33.86 -9.31
CA ARG B 250 22.28 -32.87 -8.31
C ARG B 250 21.63 -33.28 -7.01
N SER B 251 22.22 -32.88 -5.87
CA SER B 251 21.69 -33.21 -4.56
C SER B 251 21.94 -32.03 -3.66
N GLU B 252 21.28 -31.98 -2.51
CA GLU B 252 21.45 -30.87 -1.60
C GLU B 252 21.16 -31.40 -0.22
N THR B 253 22.00 -31.12 0.78
CA THR B 253 21.76 -31.54 2.15
C THR B 253 21.29 -30.32 2.93
N VAL B 254 20.21 -30.52 3.66
CA VAL B 254 19.52 -29.48 4.40
C VAL B 254 19.03 -30.19 5.64
N ASP B 255 18.47 -29.45 6.55
CA ASP B 255 17.96 -29.95 7.78
C ASP B 255 16.45 -30.09 7.76
N CYS B 256 15.77 -29.43 6.84
CA CYS B 256 14.34 -29.38 6.82
C CYS B 256 13.98 -29.28 5.37
N LEU B 257 12.93 -29.96 4.93
CA LEU B 257 12.53 -29.90 3.54
C LEU B 257 11.01 -29.76 3.53
N ILE B 258 10.51 -28.78 2.75
CA ILE B 258 9.10 -28.45 2.70
C ILE B 258 8.56 -28.78 1.32
N TRP B 259 7.52 -29.62 1.27
CA TRP B 259 6.87 -29.94 -0.01
C TRP B 259 5.84 -28.80 -0.17
N ALA B 260 5.83 -28.07 -1.27
CA ALA B 260 4.85 -26.99 -1.47
C ALA B 260 4.48 -27.11 -2.94
N ILE B 261 3.92 -28.28 -3.28
CA ILE B 261 3.68 -28.71 -4.65
C ILE B 261 2.22 -28.68 -5.03
N GLY B 262 1.31 -28.23 -4.17
CA GLY B 262 -0.06 -28.11 -4.59
C GLY B 262 -0.90 -28.51 -3.43
N ARG B 263 -2.20 -28.39 -3.57
CA ARG B 263 -3.12 -28.81 -2.55
C ARG B 263 -4.16 -29.74 -3.23
N GLU B 264 -4.97 -30.53 -2.52
CA GLU B 264 -5.96 -31.39 -3.14
C GLU B 264 -7.23 -31.30 -2.31
N PRO B 265 -8.44 -31.55 -2.82
CA PRO B 265 -9.66 -31.26 -2.08
C PRO B 265 -9.90 -32.23 -0.95
N ALA B 266 -10.49 -31.88 0.20
CA ALA B 266 -10.79 -32.84 1.23
C ALA B 266 -12.24 -33.28 1.00
N ASN B 267 -12.55 -33.93 -0.11
CA ASN B 267 -13.91 -34.43 -0.41
C ASN B 267 -14.15 -35.94 -0.31
N ASP B 268 -13.08 -36.64 0.01
CA ASP B 268 -13.05 -38.07 -0.08
C ASP B 268 -13.50 -38.93 1.08
N ASN B 269 -13.61 -38.38 2.28
CA ASN B 269 -13.93 -39.24 3.40
C ASN B 269 -15.27 -38.95 4.01
N ILE B 270 -16.19 -38.39 3.22
CA ILE B 270 -17.46 -37.96 3.78
C ILE B 270 -18.68 -38.64 3.19
N ASN B 271 -18.37 -39.66 2.40
CA ASN B 271 -19.37 -40.55 1.84
C ASN B 271 -20.38 -39.80 0.99
N LEU B 272 -19.82 -39.09 0.02
CA LEU B 272 -20.61 -38.31 -0.95
C LEU B 272 -21.48 -39.18 -1.85
N GLU B 273 -21.00 -40.42 -1.99
CA GLU B 273 -21.64 -41.51 -2.73
C GLU B 273 -23.08 -41.68 -2.21
N ALA B 274 -23.23 -41.76 -0.86
CA ALA B 274 -24.55 -41.91 -0.26
C ALA B 274 -25.51 -40.78 -0.62
N ALA B 275 -25.00 -39.52 -0.67
CA ALA B 275 -25.81 -38.37 -1.05
C ALA B 275 -26.02 -38.31 -2.54
N GLY B 276 -25.08 -38.83 -3.32
CA GLY B 276 -25.20 -38.82 -4.75
C GLY B 276 -24.48 -37.68 -5.43
N VAL B 277 -23.61 -36.99 -4.68
CA VAL B 277 -23.01 -35.81 -5.23
C VAL B 277 -21.92 -36.17 -6.22
N LYS B 278 -21.84 -35.58 -7.39
CA LYS B 278 -20.73 -35.86 -8.25
C LYS B 278 -19.51 -34.95 -8.07
N THR B 279 -18.34 -35.56 -8.19
CA THR B 279 -17.08 -34.90 -8.12
C THR B 279 -16.44 -35.04 -9.49
N ASN B 280 -15.36 -34.35 -9.81
CA ASN B 280 -14.74 -34.54 -11.09
C ASN B 280 -13.50 -35.44 -10.98
N GLU B 281 -12.70 -35.55 -12.05
CA GLU B 281 -11.59 -36.49 -12.07
C GLU B 281 -10.48 -36.19 -11.09
N LYS B 282 -10.49 -34.96 -10.56
CA LYS B 282 -9.46 -34.54 -9.62
C LYS B 282 -10.02 -34.59 -8.21
N GLY B 283 -11.32 -34.89 -8.10
CA GLY B 283 -11.94 -35.02 -6.80
C GLY B 283 -12.66 -33.77 -6.39
N TYR B 284 -12.79 -32.74 -7.22
CA TYR B 284 -13.47 -31.54 -6.74
C TYR B 284 -14.95 -31.69 -6.88
N ILE B 285 -15.78 -31.08 -6.02
CA ILE B 285 -17.21 -31.20 -6.21
C ILE B 285 -17.59 -30.24 -7.35
N VAL B 286 -18.40 -30.74 -8.30
CA VAL B 286 -18.78 -30.06 -9.51
C VAL B 286 -19.91 -29.13 -9.12
N VAL B 287 -19.85 -27.85 -9.46
CA VAL B 287 -20.94 -26.92 -9.12
C VAL B 287 -21.17 -26.05 -10.34
N ASP B 288 -22.33 -25.44 -10.32
CA ASP B 288 -22.67 -24.50 -11.36
C ASP B 288 -22.40 -23.10 -10.83
N LYS B 289 -22.84 -22.12 -11.63
CA LYS B 289 -22.70 -20.68 -11.38
C LYS B 289 -23.24 -20.24 -10.04
N TYR B 290 -24.23 -21.02 -9.58
CA TYR B 290 -24.87 -20.73 -8.32
C TYR B 290 -24.46 -21.58 -7.13
N GLN B 291 -23.36 -22.31 -7.25
CA GLN B 291 -22.79 -23.19 -6.22
C GLN B 291 -23.61 -24.45 -5.96
N ASN B 292 -24.55 -24.77 -6.85
CA ASN B 292 -25.35 -26.01 -6.75
C ASN B 292 -24.58 -27.24 -7.17
N THR B 293 -24.73 -28.35 -6.41
CA THR B 293 -24.14 -29.62 -6.84
C THR B 293 -25.19 -30.23 -7.78
N ASN B 294 -25.02 -31.47 -8.25
CA ASN B 294 -26.08 -32.11 -9.01
C ASN B 294 -27.24 -32.52 -8.09
N ILE B 295 -27.14 -32.42 -6.77
CA ILE B 295 -28.23 -32.83 -5.92
C ILE B 295 -28.75 -31.55 -5.34
N GLU B 296 -30.05 -31.54 -5.54
CA GLU B 296 -30.92 -30.43 -5.25
C GLU B 296 -30.89 -30.23 -3.75
N GLY B 297 -30.45 -29.07 -3.28
CA GLY B 297 -30.42 -28.83 -1.84
C GLY B 297 -29.05 -29.11 -1.24
N ILE B 298 -28.04 -29.38 -2.06
CA ILE B 298 -26.66 -29.54 -1.61
C ILE B 298 -25.84 -28.59 -2.48
N TYR B 299 -25.03 -27.76 -1.81
CA TYR B 299 -24.23 -26.72 -2.45
C TYR B 299 -22.78 -26.88 -1.98
N ALA B 300 -21.82 -26.37 -2.74
CA ALA B 300 -20.46 -26.31 -2.22
C ALA B 300 -19.74 -25.00 -2.63
N VAL B 301 -18.83 -24.48 -1.77
CA VAL B 301 -18.06 -23.27 -2.03
C VAL B 301 -16.67 -23.49 -1.47
N GLY B 302 -15.71 -22.83 -2.12
CA GLY B 302 -14.40 -22.80 -1.55
C GLY B 302 -13.46 -23.63 -2.35
N ASP B 303 -12.42 -24.02 -1.61
CA ASP B 303 -11.36 -24.78 -2.26
C ASP B 303 -11.76 -26.18 -2.67
N ASN B 304 -12.74 -26.86 -2.03
CA ASN B 304 -13.15 -28.21 -2.45
C ASN B 304 -13.89 -28.15 -3.77
N THR B 305 -14.15 -26.97 -4.35
CA THR B 305 -14.82 -26.93 -5.63
C THR B 305 -13.83 -26.77 -6.74
N GLY B 306 -12.54 -26.56 -6.46
CA GLY B 306 -11.62 -26.34 -7.57
C GLY B 306 -11.74 -24.93 -8.16
N ALA B 307 -12.49 -24.00 -7.58
CA ALA B 307 -12.43 -22.62 -8.07
C ALA B 307 -11.15 -22.01 -7.46
N VAL B 308 -10.76 -20.79 -7.86
CA VAL B 308 -9.53 -20.16 -7.38
C VAL B 308 -9.52 -20.18 -5.87
N GLU B 309 -8.41 -20.66 -5.37
CA GLU B 309 -8.24 -20.91 -3.98
C GLU B 309 -7.85 -19.71 -3.12
N LEU B 310 -8.78 -18.74 -2.94
CA LEU B 310 -8.50 -17.55 -2.13
C LEU B 310 -9.54 -17.46 -1.07
N THR B 311 -9.26 -17.09 0.16
CA THR B 311 -10.24 -16.91 1.22
C THR B 311 -11.38 -15.97 0.78
N PRO B 312 -11.18 -14.85 0.07
CA PRO B 312 -12.26 -13.89 -0.22
C PRO B 312 -13.20 -14.46 -1.28
N VAL B 313 -12.73 -15.35 -2.17
CA VAL B 313 -13.60 -15.94 -3.15
C VAL B 313 -14.54 -16.86 -2.38
N ALA B 314 -14.10 -17.67 -1.42
CA ALA B 314 -14.97 -18.53 -0.61
C ALA B 314 -15.97 -17.72 0.13
N VAL B 315 -15.49 -16.68 0.83
CA VAL B 315 -16.36 -15.79 1.60
C VAL B 315 -17.42 -15.12 0.69
N ALA B 316 -17.06 -14.65 -0.51
CA ALA B 316 -18.00 -13.91 -1.36
C ALA B 316 -19.05 -14.88 -1.96
N ALA B 317 -18.62 -16.02 -2.49
CA ALA B 317 -19.55 -17.05 -2.98
C ALA B 317 -20.42 -17.58 -1.86
N GLY B 318 -19.96 -17.67 -0.61
CA GLY B 318 -20.77 -18.22 0.46
C GLY B 318 -21.86 -17.25 0.88
N ARG B 319 -21.49 -15.97 1.02
CA ARG B 319 -22.38 -14.88 1.40
C ARG B 319 -23.46 -14.70 0.36
N ARG B 320 -23.03 -14.59 -0.88
CA ARG B 320 -24.01 -14.48 -1.96
C ARG B 320 -24.88 -15.74 -2.07
N LEU B 321 -24.41 -16.96 -1.77
CA LEU B 321 -25.25 -18.16 -1.79
C LEU B 321 -26.35 -18.03 -0.76
N SER B 322 -26.09 -17.55 0.47
CA SER B 322 -27.12 -17.35 1.46
C SER B 322 -28.09 -16.18 1.09
N GLU B 323 -27.61 -15.20 0.30
CA GLU B 323 -28.49 -14.12 -0.18
C GLU B 323 -29.50 -14.78 -1.12
N ARG B 324 -29.02 -15.59 -2.08
CA ARG B 324 -29.87 -16.30 -3.04
C ARG B 324 -30.85 -17.22 -2.36
N LEU B 325 -30.43 -18.17 -1.55
CA LEU B 325 -31.34 -19.08 -0.91
C LEU B 325 -32.25 -18.45 0.11
N PHE B 326 -31.73 -17.55 0.96
CA PHE B 326 -32.51 -17.13 2.09
C PHE B 326 -32.91 -15.66 2.10
N ASN B 327 -32.53 -14.85 1.11
CA ASN B 327 -32.94 -13.46 1.15
C ASN B 327 -33.53 -13.03 -0.15
N ASN B 328 -34.12 -13.93 -0.93
CA ASN B 328 -34.84 -13.58 -2.15
C ASN B 328 -34.11 -12.84 -3.25
N LYS B 329 -32.92 -13.30 -3.59
CA LYS B 329 -32.22 -12.73 -4.70
C LYS B 329 -31.95 -13.92 -5.59
N PRO B 330 -32.88 -14.43 -6.40
CA PRO B 330 -32.69 -15.65 -7.19
C PRO B 330 -31.50 -15.68 -8.11
N ASP B 331 -30.89 -14.54 -8.44
CA ASP B 331 -29.77 -14.58 -9.35
C ASP B 331 -28.45 -14.22 -8.68
N GLU B 332 -28.42 -14.09 -7.34
CA GLU B 332 -27.19 -13.78 -6.63
C GLU B 332 -26.16 -14.87 -6.87
N HIS B 333 -24.96 -14.47 -7.28
CA HIS B 333 -23.91 -15.44 -7.52
C HIS B 333 -22.58 -14.66 -7.60
N LEU B 334 -21.41 -15.27 -7.42
CA LEU B 334 -20.14 -14.61 -7.52
C LEU B 334 -19.68 -14.61 -8.96
N ASP B 335 -19.14 -13.48 -9.43
CA ASP B 335 -18.51 -13.43 -10.75
C ASP B 335 -17.05 -13.73 -10.50
N TYR B 336 -16.61 -14.82 -11.11
CA TYR B 336 -15.24 -15.28 -10.88
C TYR B 336 -14.23 -14.61 -11.79
N SER B 337 -14.53 -13.54 -12.54
CA SER B 337 -13.53 -12.99 -13.45
C SER B 337 -12.90 -11.83 -12.73
N ASN B 338 -11.70 -11.48 -13.14
CA ASN B 338 -11.05 -10.31 -12.60
C ASN B 338 -10.98 -10.30 -11.08
N ILE B 339 -10.48 -11.42 -10.56
CA ILE B 339 -10.37 -11.50 -9.13
C ILE B 339 -8.92 -11.15 -8.88
N PRO B 340 -8.68 -10.15 -8.03
CA PRO B 340 -7.36 -9.69 -7.69
C PRO B 340 -6.60 -10.64 -6.74
N THR B 341 -5.31 -10.79 -6.94
CA THR B 341 -4.49 -11.55 -6.01
C THR B 341 -3.23 -10.79 -5.56
N VAL B 342 -2.75 -11.03 -4.36
CA VAL B 342 -1.44 -10.55 -3.96
C VAL B 342 -0.60 -11.76 -3.51
N VAL B 343 0.60 -12.05 -4.01
CA VAL B 343 1.50 -13.07 -3.41
C VAL B 343 2.35 -12.32 -2.38
N PHE B 344 2.37 -12.58 -1.09
CA PHE B 344 3.38 -12.01 -0.22
C PHE B 344 4.79 -12.59 -0.35
N SER B 345 5.37 -12.39 -1.52
CA SER B 345 6.74 -12.74 -1.75
C SER B 345 7.70 -11.61 -1.30
N HIS B 346 8.90 -11.57 -1.84
CA HIS B 346 9.89 -10.56 -1.55
C HIS B 346 10.28 -10.20 -2.95
N PRO B 347 9.91 -9.06 -3.58
CA PRO B 347 8.89 -8.13 -3.10
C PRO B 347 7.49 -8.61 -3.39
N PRO B 348 6.41 -8.01 -2.84
CA PRO B 348 5.08 -8.45 -3.14
C PRO B 348 4.76 -8.36 -4.61
N ILE B 349 3.77 -9.18 -4.99
CA ILE B 349 3.34 -9.26 -6.36
C ILE B 349 1.90 -8.86 -6.27
N GLY B 350 1.35 -8.12 -7.20
CA GLY B 350 -0.07 -7.82 -7.15
C GLY B 350 -0.48 -8.06 -8.59
N THR B 351 -1.64 -8.62 -8.85
CA THR B 351 -2.05 -8.89 -10.23
C THR B 351 -3.56 -9.07 -10.33
N VAL B 352 -4.14 -8.62 -11.43
CA VAL B 352 -5.58 -8.81 -11.67
C VAL B 352 -5.79 -8.78 -13.18
N GLY B 353 -6.76 -9.53 -13.70
CA GLY B 353 -7.01 -9.54 -15.12
C GLY B 353 -6.01 -10.33 -15.89
N LEU B 354 -6.02 -10.18 -17.21
CA LEU B 354 -5.20 -11.00 -18.07
C LEU B 354 -3.74 -10.66 -18.06
N THR B 355 -2.88 -11.65 -18.32
CA THR B 355 -1.46 -11.46 -18.41
C THR B 355 -1.25 -10.95 -19.83
N GLU B 356 -0.02 -10.56 -20.17
CA GLU B 356 0.16 -10.07 -21.52
C GLU B 356 -0.03 -11.22 -22.54
N PRO B 357 0.51 -12.46 -22.40
CA PRO B 357 0.24 -13.59 -23.30
C PRO B 357 -1.24 -13.87 -23.42
N GLN B 358 -1.99 -13.87 -22.32
CA GLN B 358 -3.38 -14.18 -22.40
C GLN B 358 -4.08 -13.11 -23.20
N ALA B 359 -3.78 -11.82 -23.02
CA ALA B 359 -4.46 -10.76 -23.77
C ALA B 359 -4.08 -10.85 -25.23
N ARG B 360 -2.83 -11.18 -25.60
CA ARG B 360 -2.47 -11.32 -27.01
C ARG B 360 -3.08 -12.57 -27.67
N GLU B 361 -3.36 -13.63 -26.90
CA GLU B 361 -4.02 -14.82 -27.40
C GLU B 361 -5.45 -14.43 -27.65
N GLN B 362 -6.12 -13.99 -26.61
CA GLN B 362 -7.52 -13.64 -26.69
C GLN B 362 -7.92 -12.52 -27.63
N TYR B 363 -7.13 -11.45 -27.75
CA TYR B 363 -7.52 -10.32 -28.58
C TYR B 363 -6.71 -10.17 -29.84
N GLY B 364 -5.59 -10.84 -29.93
CA GLY B 364 -4.74 -10.67 -31.09
C GLY B 364 -3.73 -9.60 -30.82
N ASP B 365 -2.50 -9.80 -31.27
CA ASP B 365 -1.42 -8.84 -31.13
C ASP B 365 -1.74 -7.40 -31.54
N ASP B 366 -2.54 -7.23 -32.58
CA ASP B 366 -2.81 -5.89 -33.10
C ASP B 366 -3.73 -5.05 -32.26
N GLN B 367 -4.40 -5.70 -31.33
CA GLN B 367 -5.36 -5.04 -30.49
C GLN B 367 -4.76 -4.74 -29.15
N VAL B 368 -3.61 -5.28 -28.78
CA VAL B 368 -3.11 -5.17 -27.42
C VAL B 368 -2.04 -4.12 -27.30
N LYS B 369 -2.09 -3.33 -26.25
CA LYS B 369 -1.14 -2.25 -26.00
C LYS B 369 -0.68 -2.44 -24.56
N VAL B 370 0.63 -2.54 -24.37
CA VAL B 370 1.19 -2.78 -23.04
C VAL B 370 1.96 -1.55 -22.56
N TYR B 371 1.75 -1.06 -21.37
CA TYR B 371 2.56 0.01 -20.81
C TYR B 371 3.39 -0.65 -19.71
N LYS B 372 4.70 -0.33 -19.62
CA LYS B 372 5.52 -0.90 -18.56
C LYS B 372 6.24 0.21 -17.81
N SER B 373 6.74 -0.01 -16.61
CA SER B 373 7.47 0.97 -15.85
C SER B 373 8.40 0.18 -14.95
N SER B 374 9.64 0.58 -14.78
CA SER B 374 10.56 -0.14 -13.93
C SER B 374 11.37 0.91 -13.17
N PHE B 375 11.45 0.89 -11.86
CA PHE B 375 12.25 1.83 -11.11
C PHE B 375 12.84 1.13 -9.88
N THR B 376 13.57 1.77 -8.95
CA THR B 376 14.03 1.09 -7.77
C THR B 376 13.05 1.49 -6.74
N ALA B 377 12.77 0.62 -5.78
CA ALA B 377 11.83 0.95 -4.75
C ALA B 377 12.50 2.03 -3.87
N MET B 378 11.90 3.15 -3.53
CA MET B 378 12.61 4.19 -2.76
C MET B 378 13.17 3.70 -1.43
N TYR B 379 12.44 2.91 -0.62
CA TYR B 379 12.94 2.30 0.61
C TYR B 379 14.33 1.69 0.47
N THR B 380 14.57 1.17 -0.70
CA THR B 380 15.81 0.46 -0.98
C THR B 380 16.78 1.34 -1.76
N ALA B 381 16.35 2.41 -2.44
CA ALA B 381 17.21 3.16 -3.35
C ALA B 381 18.35 3.89 -2.62
N VAL B 382 18.27 4.12 -1.32
CA VAL B 382 19.37 4.77 -0.59
C VAL B 382 20.29 3.73 0.05
N THR B 383 20.14 2.42 -0.30
CA THR B 383 20.92 1.34 0.31
C THR B 383 21.81 0.69 -0.69
N THR B 384 22.64 -0.30 -0.27
CA THR B 384 23.44 -0.98 -1.24
C THR B 384 22.66 -2.22 -1.73
N HIS B 385 21.38 -2.40 -1.37
CA HIS B 385 20.51 -3.56 -1.68
C HIS B 385 19.31 -2.97 -2.38
N ARG B 386 19.50 -2.47 -3.58
CA ARG B 386 18.41 -1.83 -4.30
C ARG B 386 17.51 -2.89 -4.94
N GLN B 387 16.20 -2.78 -4.90
CA GLN B 387 15.37 -3.83 -5.47
C GLN B 387 14.49 -3.17 -6.52
N PRO B 388 14.29 -3.78 -7.69
CA PRO B 388 13.36 -3.30 -8.71
C PRO B 388 11.94 -3.27 -8.24
N CYS B 389 11.15 -2.41 -8.88
CA CYS B 389 9.72 -2.44 -8.81
C CYS B 389 9.42 -2.51 -10.31
N ARG B 390 8.48 -3.34 -10.75
CA ARG B 390 8.20 -3.43 -12.18
C ARG B 390 6.71 -3.50 -12.27
N MET B 391 6.15 -2.69 -13.13
CA MET B 391 4.71 -2.57 -13.27
C MET B 391 4.20 -2.70 -14.71
N LYS B 392 3.03 -3.28 -14.95
CA LYS B 392 2.58 -3.44 -16.32
C LYS B 392 1.11 -3.15 -16.42
N LEU B 393 0.66 -2.45 -17.44
CA LEU B 393 -0.78 -2.31 -17.66
C LEU B 393 -1.03 -2.96 -18.99
N VAL B 394 -2.08 -3.76 -19.15
CA VAL B 394 -2.28 -4.41 -20.44
C VAL B 394 -3.59 -3.80 -20.93
N CYS B 395 -3.60 -3.17 -22.09
CA CYS B 395 -4.80 -2.51 -22.60
C CYS B 395 -5.27 -3.12 -23.91
N VAL B 396 -6.56 -3.05 -24.22
CA VAL B 396 -7.03 -3.44 -25.54
C VAL B 396 -7.86 -2.38 -26.29
N GLY B 397 -7.56 -2.30 -27.57
CA GLY B 397 -8.36 -1.57 -28.52
C GLY B 397 -8.04 -0.10 -28.58
N SER B 398 -8.76 0.58 -29.47
CA SER B 398 -8.63 2.03 -29.68
C SER B 398 -8.79 2.80 -28.38
N GLU B 399 -9.84 2.41 -27.67
CA GLU B 399 -10.17 2.93 -26.36
C GLU B 399 -9.18 2.59 -25.26
N GLU B 400 -8.33 1.58 -25.47
CA GLU B 400 -7.35 1.14 -24.47
C GLU B 400 -8.01 0.79 -23.15
N LYS B 401 -8.96 -0.14 -23.26
CA LYS B 401 -9.67 -0.62 -22.08
C LYS B 401 -8.61 -1.40 -21.27
N ILE B 402 -8.45 -1.24 -19.97
CA ILE B 402 -7.42 -1.98 -19.22
C ILE B 402 -7.92 -3.38 -18.89
N VAL B 403 -7.30 -4.42 -19.44
CA VAL B 403 -7.71 -5.78 -19.16
C VAL B 403 -6.75 -6.47 -18.14
N GLY B 404 -5.55 -5.94 -17.84
CA GLY B 404 -4.66 -6.50 -16.83
C GLY B 404 -3.84 -5.42 -16.16
N ILE B 405 -3.60 -5.55 -14.85
CA ILE B 405 -2.73 -4.64 -14.08
C ILE B 405 -1.75 -5.58 -13.36
N HIS B 406 -0.44 -5.61 -13.65
CA HIS B 406 0.48 -6.53 -12.95
C HIS B 406 1.59 -5.73 -12.23
N GLY B 407 2.08 -6.06 -11.06
CA GLY B 407 3.25 -5.39 -10.53
C GLY B 407 3.98 -6.26 -9.52
N ILE B 408 5.29 -6.12 -9.43
CA ILE B 408 6.03 -6.77 -8.34
C ILE B 408 6.88 -5.66 -7.69
N GLY B 409 6.84 -5.40 -6.40
CA GLY B 409 7.68 -4.35 -5.80
C GLY B 409 7.06 -3.95 -4.50
N PHE B 410 7.82 -3.27 -3.61
CA PHE B 410 7.25 -2.85 -2.36
C PHE B 410 6.01 -1.98 -2.57
N GLY B 411 4.96 -2.17 -1.77
CA GLY B 411 3.74 -1.42 -1.97
C GLY B 411 2.70 -2.17 -2.83
N MET B 412 3.07 -3.16 -3.62
CA MET B 412 2.03 -3.90 -4.39
C MET B 412 0.98 -4.56 -3.56
N ASP B 413 1.27 -5.04 -2.36
CA ASP B 413 0.28 -5.66 -1.50
C ASP B 413 -0.93 -4.79 -1.10
N GLU B 414 -0.61 -3.54 -0.81
CA GLU B 414 -1.63 -2.60 -0.42
C GLU B 414 -2.20 -1.77 -1.54
N MET B 415 -1.48 -1.54 -2.64
CA MET B 415 -1.99 -0.63 -3.62
C MET B 415 -3.04 -1.21 -4.58
N LEU B 416 -3.05 -2.55 -4.72
CA LEU B 416 -3.88 -3.24 -5.71
C LEU B 416 -5.37 -3.13 -5.53
N GLN B 417 -5.94 -3.16 -4.32
CA GLN B 417 -7.38 -3.19 -4.14
C GLN B 417 -8.14 -2.09 -4.90
N GLY B 418 -7.68 -0.84 -4.85
CA GLY B 418 -8.38 0.27 -5.53
C GLY B 418 -8.40 0.12 -7.04
N PHE B 419 -7.24 -0.18 -7.60
CA PHE B 419 -7.10 -0.41 -9.02
C PHE B 419 -7.96 -1.54 -9.59
N ALA B 420 -8.26 -2.52 -8.72
CA ALA B 420 -9.08 -3.66 -9.08
C ALA B 420 -10.51 -3.18 -9.10
N VAL B 421 -10.93 -2.27 -8.20
CA VAL B 421 -12.26 -1.63 -8.26
C VAL B 421 -12.42 -0.87 -9.58
N ALA B 422 -11.40 -0.09 -9.97
CA ALA B 422 -11.34 0.59 -11.26
C ALA B 422 -11.47 -0.34 -12.48
N LEU B 423 -10.70 -1.46 -12.51
CA LEU B 423 -10.74 -2.43 -13.61
C LEU B 423 -12.14 -2.99 -13.75
N LYS B 424 -12.74 -3.39 -12.65
CA LYS B 424 -14.11 -3.84 -12.53
C LYS B 424 -15.11 -2.85 -13.14
N MET B 425 -14.91 -1.54 -12.91
CA MET B 425 -15.75 -0.46 -13.47
C MET B 425 -15.54 -0.21 -14.96
N GLY B 426 -14.57 -0.90 -15.56
CA GLY B 426 -14.30 -0.78 -16.97
C GLY B 426 -13.37 0.36 -17.28
N ALA B 427 -12.38 0.64 -16.43
CA ALA B 427 -11.43 1.71 -16.73
C ALA B 427 -10.61 1.55 -17.98
N THR B 428 -10.28 2.66 -18.62
CA THR B 428 -9.40 2.72 -19.78
C THR B 428 -8.15 3.46 -19.30
N LYS B 429 -7.08 3.49 -20.09
CA LYS B 429 -5.88 4.23 -19.74
C LYS B 429 -6.21 5.71 -19.48
N LYS B 430 -7.08 6.35 -20.28
CA LYS B 430 -7.47 7.74 -20.10
C LYS B 430 -7.93 7.95 -18.69
N ASP B 431 -8.77 7.08 -18.12
CA ASP B 431 -9.20 7.29 -16.74
C ASP B 431 -8.06 7.20 -15.77
N PHE B 432 -7.02 6.42 -16.00
CA PHE B 432 -5.92 6.35 -15.06
C PHE B 432 -5.13 7.65 -15.13
N ASP B 433 -4.91 8.10 -16.35
CA ASP B 433 -4.14 9.30 -16.61
C ASP B 433 -4.82 10.56 -16.09
N ASN B 434 -6.15 10.61 -16.13
CA ASN B 434 -6.85 11.74 -15.56
C ASN B 434 -6.91 11.70 -14.05
N THR B 435 -6.26 10.82 -13.28
CA THR B 435 -6.32 10.99 -11.84
C THR B 435 -4.98 11.59 -11.43
N VAL B 436 -5.04 12.54 -10.48
CA VAL B 436 -3.83 13.20 -10.03
C VAL B 436 -3.05 12.21 -9.14
N ALA B 437 -1.78 12.08 -9.44
CA ALA B 437 -0.88 11.21 -8.68
C ALA B 437 -0.73 11.68 -7.24
N ILE B 438 -0.15 10.81 -6.40
CA ILE B 438 0.09 11.04 -4.99
C ILE B 438 1.59 10.86 -4.92
N HIS B 439 2.42 11.83 -4.46
CA HIS B 439 3.86 11.75 -4.59
C HIS B 439 4.45 11.83 -3.22
N PRO B 440 5.50 11.12 -2.79
CA PRO B 440 6.20 10.05 -3.49
C PRO B 440 5.64 8.69 -3.04
N THR B 441 5.02 7.92 -3.95
CA THR B 441 4.47 6.60 -3.63
C THR B 441 4.95 5.68 -4.76
N ALA B 442 4.78 4.36 -4.66
CA ALA B 442 5.05 3.54 -5.82
C ALA B 442 3.80 3.48 -6.69
N ALA B 443 2.66 3.58 -6.04
CA ALA B 443 1.34 3.52 -6.67
C ALA B 443 1.13 4.52 -7.78
N GLU B 444 1.62 5.74 -7.63
CA GLU B 444 1.46 6.80 -8.64
C GLU B 444 1.93 6.43 -10.03
N GLU B 445 2.85 5.49 -10.13
CA GLU B 445 3.34 5.03 -11.40
C GLU B 445 2.25 4.51 -12.34
N PHE B 446 1.14 4.06 -11.81
CA PHE B 446 0.12 3.48 -12.73
C PHE B 446 -0.66 4.65 -13.29
N VAL B 447 -0.61 5.86 -12.67
CA VAL B 447 -1.42 6.96 -13.21
C VAL B 447 -0.56 7.92 -14.04
N THR B 448 0.72 7.64 -14.16
CA THR B 448 1.62 8.50 -14.88
C THR B 448 2.38 7.68 -15.90
N MET B 449 1.83 6.55 -16.31
CA MET B 449 2.53 5.65 -17.22
C MET B 449 2.46 6.25 -18.60
N ARG B 450 3.50 5.96 -19.38
CA ARG B 450 3.76 6.62 -20.65
C ARG B 450 4.19 5.55 -21.63
#